data_6MES
#
_entry.id   6MES
#
_cell.length_a   87.640
_cell.length_b   106.130
_cell.length_c   207.550
_cell.angle_alpha   90.00
_cell.angle_beta   90.00
_cell.angle_gamma   90.00
#
_symmetry.space_group_name_H-M   'P 21 21 21'
#
loop_
_entity.id
_entity.type
_entity.pdbx_description
1 polymer 'Methionyl-tRNA synthetase'
2 non-polymer METHIONINE
3 non-polymer 1-[(1H-benzimidazol-2-yl)methyl]-4-[(2,4-dichlorophenyl)methyl]-1,3-dihydro-2H-imidazol-2-one
4 non-polymer GLYCEROL
5 water water
#
_entity_poly.entity_id   1
_entity_poly.type   'polypeptide(L)'
_entity_poly.pdbx_seq_one_letter_code
;GPGSMKVEKVFFVTSPIYYVNAAPHIGHVYSTLITDVIGRYHRVKGERVFALTGTDEHGQKVAEAAKQKQVSPYDFTTAV
AGEFKKCFEQMDYSIDYFIRTTNEQHKAVVKELWTKLEQKGDIYLGRYEGWYSISDESFLTPQNITDGVDKDGNPCKVSL
ESGHVVTWVSEENYMFRLSAFRERLLEWYHANPGCIVPEFRRREVIRAVEKGLPDLSVSRARATLHNWAIPVPGNPDHCV
YVWLDALTNYLTGSRLRVDESGKEVSLVDDFNELERFPADVHVIGKDILKFHAIYWPAFLLSAGLPLPKKIVAHGWWTKD
RKKISKSLGNVFDPVEKAEEFGYDALKYFLLRESGFSDDGDYSDKNMIARLNGELADTLGNLVMRCTSAKINVNGEWPSP
AAYTEEDESLIQLIKDLPGTADHYYLIPDIQKAIIAVFDVLRAINAYVTDMAPWKLVKTDPERLRTVLYITLEGVRVTTL
LLSPILPRKSVVIFDMLGVPEVHRKGIENFEFGAVPPGTRLGPAVEGEVLFSKRSTENTKST
;
_entity_poly.pdbx_strand_id   A,B
#
loop_
_chem_comp.id
_chem_comp.type
_chem_comp.name
_chem_comp.formula
GOL non-polymer GLYCEROL 'C3 H8 O3'
JFA non-polymer 1-[(1H-benzimidazol-2-yl)methyl]-4-[(2,4-dichlorophenyl)methyl]-1,3-dihydro-2H-imidazol-2-one 'C18 H14 Cl2 N4 O'
#
# COMPACT_ATOMS: atom_id res chain seq x y z
N VAL A 7 4.11 15.45 -27.92
CA VAL A 7 3.84 16.91 -28.22
C VAL A 7 3.47 17.70 -26.94
N GLU A 8 3.93 18.95 -26.87
CA GLU A 8 3.60 19.85 -25.75
C GLU A 8 2.43 20.72 -26.21
N LYS A 9 1.23 20.31 -25.84
CA LYS A 9 -0.02 21.07 -26.02
C LYS A 9 -0.62 21.70 -24.75
N VAL A 10 -1.80 22.32 -24.87
CA VAL A 10 -2.59 22.69 -23.69
C VAL A 10 -3.39 21.46 -23.28
N PHE A 11 -3.33 21.08 -22.00
CA PHE A 11 -4.09 19.95 -21.51
C PHE A 11 -5.56 20.34 -21.49
N PHE A 12 -6.35 19.69 -22.33
CA PHE A 12 -7.75 20.03 -22.55
C PHE A 12 -8.67 18.98 -21.91
N VAL A 13 -9.35 19.40 -20.83
CA VAL A 13 -10.28 18.54 -20.10
C VAL A 13 -11.67 19.20 -20.11
N THR A 14 -12.72 18.38 -20.24
CA THR A 14 -14.09 18.86 -20.42
C THR A 14 -15.06 18.09 -19.55
N SER A 15 -16.09 18.79 -19.11
CA SER A 15 -17.30 18.17 -18.56
C SER A 15 -18.26 18.03 -19.73
N PRO A 16 -19.43 17.36 -19.51
CA PRO A 16 -20.46 17.47 -20.52
C PRO A 16 -21.15 18.79 -20.34
N ILE A 17 -21.78 19.30 -21.40
CA ILE A 17 -22.64 20.51 -21.29
C ILE A 17 -24.06 20.08 -20.92
N TYR A 18 -24.63 20.68 -19.88
CA TYR A 18 -25.83 20.12 -19.23
C TYR A 18 -27.09 20.75 -19.75
N TYR A 19 -28.16 19.97 -19.83
CA TYR A 19 -29.43 20.51 -20.30
C TYR A 19 -29.96 21.49 -19.30
N VAL A 20 -30.54 22.57 -19.81
CA VAL A 20 -31.05 23.64 -18.97
C VAL A 20 -32.56 23.53 -18.71
N ASN A 21 -33.14 22.36 -18.88
CA ASN A 21 -34.57 22.20 -18.55
C ASN A 21 -34.85 22.19 -17.04
N ALA A 22 -33.82 22.22 -16.22
CA ALA A 22 -33.99 22.08 -14.79
C ALA A 22 -32.74 22.57 -14.10
N ALA A 23 -32.90 22.73 -12.81
CA ALA A 23 -31.89 23.38 -12.01
C ALA A 23 -30.68 22.48 -11.83
N PRO A 24 -29.51 23.08 -11.55
CA PRO A 24 -28.32 22.35 -11.17
C PRO A 24 -28.57 21.43 -10.00
N HIS A 25 -28.07 20.20 -10.09
CA HIS A 25 -28.19 19.24 -9.03
C HIS A 25 -26.85 18.50 -8.93
N ILE A 26 -26.78 17.50 -8.06
CA ILE A 26 -25.53 16.80 -7.80
C ILE A 26 -24.85 16.15 -9.04
N GLY A 27 -25.64 15.49 -9.88
CA GLY A 27 -25.20 14.98 -11.17
C GLY A 27 -24.23 15.86 -11.91
N HIS A 28 -24.58 17.14 -12.03
CA HIS A 28 -23.78 18.12 -12.77
C HIS A 28 -22.56 18.55 -11.95
N VAL A 29 -22.82 18.83 -10.68
CA VAL A 29 -21.78 19.20 -9.73
C VAL A 29 -20.68 18.14 -9.66
N TYR A 30 -21.08 16.86 -9.70
CA TYR A 30 -20.15 15.75 -9.70
C TYR A 30 -19.29 15.70 -10.95
N SER A 31 -19.94 15.72 -12.10
CA SER A 31 -19.26 15.69 -13.41
C SER A 31 -18.23 16.79 -13.53
N THR A 32 -18.64 18.00 -13.17
CA THR A 32 -17.80 19.20 -13.22
C THR A 32 -16.71 19.19 -12.15
N LEU A 33 -17.00 18.59 -10.99
CA LEU A 33 -15.95 18.34 -9.97
C LEU A 33 -14.80 17.46 -10.48
N ILE A 34 -15.13 16.34 -11.13
CA ILE A 34 -14.14 15.46 -11.77
C ILE A 34 -13.35 16.21 -12.84
N THR A 35 -14.05 16.97 -13.68
CA THR A 35 -13.38 17.80 -14.65
C THR A 35 -12.37 18.73 -13.98
N ASP A 36 -12.85 19.42 -12.94
CA ASP A 36 -12.05 20.44 -12.22
C ASP A 36 -10.80 19.85 -11.59
N VAL A 37 -10.95 18.66 -10.99
CA VAL A 37 -9.84 17.97 -10.28
C VAL A 37 -8.74 17.57 -11.28
N ILE A 38 -9.13 16.94 -12.38
CA ILE A 38 -8.20 16.57 -13.44
C ILE A 38 -7.48 17.83 -13.89
N GLY A 39 -8.23 18.91 -14.17
CA GLY A 39 -7.64 20.18 -14.55
C GLY A 39 -6.59 20.65 -13.53
N ARG A 40 -7.02 20.78 -12.27
CA ARG A 40 -6.13 21.21 -11.18
C ARG A 40 -4.88 20.33 -11.10
N TYR A 41 -5.03 19.01 -11.19
CA TYR A 41 -3.87 18.13 -11.09
C TYR A 41 -2.83 18.53 -12.12
N HIS A 42 -3.24 18.68 -13.39
CA HIS A 42 -2.28 19.05 -14.45
C HIS A 42 -1.67 20.46 -14.27
N ARG A 43 -2.40 21.38 -13.64
CA ARG A 43 -1.84 22.68 -13.26
C ARG A 43 -0.78 22.55 -12.15
N VAL A 44 -1.06 21.72 -11.14
CA VAL A 44 -0.09 21.42 -10.05
C VAL A 44 1.15 20.75 -10.64
N LYS A 45 0.94 19.89 -11.63
CA LYS A 45 2.05 19.24 -12.34
C LYS A 45 2.86 20.26 -13.13
N GLY A 46 2.28 21.42 -13.41
CA GLY A 46 2.95 22.56 -14.03
C GLY A 46 2.66 22.70 -15.51
N GLU A 47 1.62 22.02 -16.00
CA GLU A 47 1.23 22.07 -17.41
C GLU A 47 0.27 23.21 -17.67
N ARG A 48 0.08 23.53 -18.96
CA ARG A 48 -0.98 24.44 -19.43
C ARG A 48 -2.30 23.69 -19.48
N VAL A 49 -3.35 24.32 -18.96
CA VAL A 49 -4.64 23.68 -18.84
C VAL A 49 -5.78 24.56 -19.35
N PHE A 50 -6.68 23.94 -20.11
CA PHE A 50 -7.97 24.55 -20.44
C PHE A 50 -9.07 23.58 -20.04
N ALA A 51 -9.82 23.96 -19.01
CA ALA A 51 -10.97 23.18 -18.53
C ALA A 51 -12.25 23.82 -19.05
N LEU A 52 -13.15 23.01 -19.60
CA LEU A 52 -14.39 23.48 -20.21
C LEU A 52 -15.61 22.84 -19.54
N THR A 53 -16.61 23.66 -19.27
CA THR A 53 -17.93 23.20 -18.82
C THR A 53 -18.99 24.12 -19.46
N GLY A 54 -20.27 23.84 -19.26
CA GLY A 54 -21.33 24.68 -19.80
C GLY A 54 -22.72 24.07 -19.91
N THR A 55 -23.57 24.76 -20.67
CA THR A 55 -24.97 24.39 -20.80
C THR A 55 -25.38 24.09 -22.24
N ASP A 56 -26.40 23.25 -22.35
CA ASP A 56 -26.90 22.69 -23.60
C ASP A 56 -28.35 23.14 -23.74
N GLU A 57 -28.53 24.21 -24.52
CA GLU A 57 -29.69 25.06 -24.38
C GLU A 57 -30.77 24.90 -25.47
N HIS A 58 -30.43 24.35 -26.62
CA HIS A 58 -31.41 24.03 -27.66
C HIS A 58 -32.08 22.71 -27.40
N GLY A 59 -33.21 22.51 -28.07
CA GLY A 59 -33.90 21.22 -28.03
C GLY A 59 -35.39 21.33 -27.79
N GLN A 60 -36.09 20.27 -28.20
CA GLN A 60 -37.51 20.09 -27.95
C GLN A 60 -37.74 20.06 -26.44
N LYS A 61 -36.91 19.31 -25.74
CA LYS A 61 -36.98 19.12 -24.29
C LYS A 61 -36.82 20.43 -23.50
N VAL A 62 -35.93 21.31 -23.93
CA VAL A 62 -35.77 22.62 -23.27
C VAL A 62 -36.95 23.55 -23.53
N ALA A 63 -37.33 23.69 -24.79
CA ALA A 63 -38.47 24.55 -25.18
C ALA A 63 -39.75 24.13 -24.48
N GLU A 64 -39.98 22.81 -24.40
CA GLU A 64 -41.16 22.27 -23.72
C GLU A 64 -41.16 22.48 -22.20
N ALA A 65 -39.98 22.62 -21.62
CA ALA A 65 -39.82 23.04 -20.22
C ALA A 65 -39.95 24.55 -20.03
N ALA A 66 -39.51 25.34 -21.01
CA ALA A 66 -39.72 26.79 -21.01
C ALA A 66 -41.21 27.10 -21.19
N LYS A 67 -41.88 26.35 -22.08
CA LYS A 67 -43.33 26.41 -22.25
C LYS A 67 -44.09 26.17 -20.94
N GLN A 68 -43.65 25.18 -20.15
CA GLN A 68 -44.25 24.89 -18.84
C GLN A 68 -44.24 26.09 -17.88
N LYS A 69 -43.10 26.77 -17.78
CA LYS A 69 -42.98 27.96 -16.92
C LYS A 69 -43.64 29.20 -17.53
N GLN A 70 -44.10 29.09 -18.78
CA GLN A 70 -44.81 30.14 -19.50
C GLN A 70 -43.90 31.37 -19.71
N VAL A 71 -42.68 31.11 -20.16
CA VAL A 71 -41.72 32.17 -20.54
C VAL A 71 -41.04 31.77 -21.86
N SER A 72 -40.43 32.76 -22.53
CA SER A 72 -39.78 32.50 -23.81
C SER A 72 -38.53 31.63 -23.61
N PRO A 73 -38.17 30.81 -24.61
CA PRO A 73 -36.93 30.02 -24.53
C PRO A 73 -35.65 30.83 -24.24
N TYR A 74 -35.55 32.05 -24.77
CA TYR A 74 -34.38 32.89 -24.57
C TYR A 74 -34.29 33.30 -23.09
N ASP A 75 -35.43 33.61 -22.47
CA ASP A 75 -35.46 33.98 -21.03
C ASP A 75 -35.16 32.81 -20.13
N PHE A 76 -35.80 31.68 -20.42
CA PHE A 76 -35.66 30.47 -19.63
C PHE A 76 -34.23 29.93 -19.67
N THR A 77 -33.60 29.87 -20.84
CA THR A 77 -32.21 29.39 -20.93
C THR A 77 -31.22 30.33 -20.28
N THR A 78 -31.36 31.64 -20.53
CA THR A 78 -30.46 32.62 -19.92
C THR A 78 -30.51 32.53 -18.40
N ALA A 79 -31.71 32.42 -17.86
CA ALA A 79 -31.90 32.31 -16.41
C ALA A 79 -31.24 31.05 -15.85
N VAL A 80 -31.56 29.90 -16.42
CA VAL A 80 -31.07 28.62 -15.92
C VAL A 80 -29.57 28.54 -16.09
N ALA A 81 -29.06 28.98 -17.23
CA ALA A 81 -27.63 29.12 -17.41
C ALA A 81 -26.99 29.91 -16.25
N GLY A 82 -27.64 31.00 -15.85
CA GLY A 82 -27.22 31.78 -14.69
C GLY A 82 -27.17 30.98 -13.41
N GLU A 83 -28.21 30.17 -13.18
CA GLU A 83 -28.25 29.27 -12.03
C GLU A 83 -27.09 28.29 -12.02
N PHE A 84 -26.76 27.77 -13.20
CA PHE A 84 -25.59 26.87 -13.36
C PHE A 84 -24.28 27.56 -13.04
N LYS A 85 -24.08 28.75 -13.59
CA LYS A 85 -22.87 29.55 -13.36
C LYS A 85 -22.64 29.86 -11.90
N LYS A 86 -23.73 30.23 -11.23
CA LYS A 86 -23.65 30.56 -9.81
C LYS A 86 -23.30 29.36 -8.95
N CYS A 87 -23.91 28.21 -9.25
CA CYS A 87 -23.63 26.96 -8.55
C CYS A 87 -22.15 26.61 -8.64
N PHE A 88 -21.59 26.71 -9.84
CA PHE A 88 -20.18 26.37 -10.05
C PHE A 88 -19.21 27.35 -9.37
N GLU A 89 -19.60 28.62 -9.27
CA GLU A 89 -18.83 29.60 -8.49
C GLU A 89 -18.89 29.30 -6.99
N GLN A 90 -20.04 28.85 -6.52
CA GLN A 90 -20.21 28.53 -5.11
C GLN A 90 -19.42 27.29 -4.72
N MET A 91 -19.42 26.29 -5.59
CA MET A 91 -18.65 25.08 -5.40
C MET A 91 -17.15 25.30 -5.50
N ASP A 92 -16.70 26.46 -5.99
CA ASP A 92 -15.30 26.87 -5.93
C ASP A 92 -14.42 26.04 -6.87
N TYR A 93 -14.92 25.87 -8.09
CA TYR A 93 -14.14 25.24 -9.15
C TYR A 93 -13.18 26.26 -9.74
N SER A 94 -12.33 25.78 -10.62
CA SER A 94 -11.41 26.62 -11.35
C SER A 94 -11.54 26.23 -12.82
N ILE A 95 -12.76 26.36 -13.36
CA ILE A 95 -13.01 26.05 -14.77
C ILE A 95 -12.64 27.28 -15.56
N ASP A 96 -11.97 27.06 -16.69
CA ASP A 96 -11.43 28.15 -17.48
C ASP A 96 -12.48 28.85 -18.36
N TYR A 97 -13.49 28.12 -18.84
CA TYR A 97 -14.59 28.75 -19.59
C TYR A 97 -15.93 28.03 -19.43
N PHE A 98 -17.01 28.81 -19.42
CA PHE A 98 -18.39 28.31 -19.41
C PHE A 98 -19.06 28.57 -20.78
N ILE A 99 -19.27 27.51 -21.55
CA ILE A 99 -19.82 27.63 -22.91
C ILE A 99 -21.35 27.46 -22.92
N ARG A 100 -22.02 28.15 -23.82
CA ARG A 100 -23.46 28.03 -24.01
C ARG A 100 -23.71 27.79 -25.47
N THR A 101 -24.60 26.86 -25.79
CA THR A 101 -24.90 26.54 -27.19
C THR A 101 -25.73 27.63 -27.93
N THR A 102 -26.41 28.51 -27.18
CA THR A 102 -27.05 29.70 -27.76
C THR A 102 -26.04 30.74 -28.29
N ASN A 103 -24.82 30.68 -27.77
CA ASN A 103 -23.72 31.54 -28.21
C ASN A 103 -23.57 31.52 -29.73
N GLU A 104 -23.27 32.69 -30.28
CA GLU A 104 -23.24 32.87 -31.72
C GLU A 104 -21.97 32.25 -32.34
N GLN A 105 -20.85 32.29 -31.61
CA GLN A 105 -19.60 31.64 -32.06
C GLN A 105 -19.84 30.16 -32.20
N HIS A 106 -20.52 29.58 -31.23
CA HIS A 106 -20.81 28.17 -31.24
C HIS A 106 -21.59 27.79 -32.49
N LYS A 107 -22.65 28.55 -32.80
CA LYS A 107 -23.49 28.29 -33.98
C LYS A 107 -22.67 28.31 -35.28
N ALA A 108 -21.73 29.25 -35.38
CA ALA A 108 -20.80 29.34 -36.52
C ALA A 108 -19.99 28.06 -36.71
N VAL A 109 -19.49 27.53 -35.59
CA VAL A 109 -18.70 26.30 -35.60
C VAL A 109 -19.59 25.11 -36.02
N VAL A 110 -20.82 25.05 -35.51
CA VAL A 110 -21.75 23.99 -35.91
C VAL A 110 -22.03 24.04 -37.42
N LYS A 111 -22.29 25.24 -37.95
CA LYS A 111 -22.47 25.41 -39.39
C LYS A 111 -21.22 24.95 -40.15
N GLU A 112 -20.03 25.38 -39.70
CA GLU A 112 -18.75 24.96 -40.32
C GLU A 112 -18.66 23.45 -40.39
N LEU A 113 -18.89 22.80 -39.24
CA LEU A 113 -18.77 21.34 -39.11
C LEU A 113 -19.82 20.62 -39.94
N TRP A 114 -21.07 21.08 -39.87
CA TRP A 114 -22.14 20.52 -40.69
C TRP A 114 -21.76 20.52 -42.17
N THR A 115 -21.30 21.67 -42.64
CA THR A 115 -20.97 21.85 -44.04
C THR A 115 -19.82 20.93 -44.46
N LYS A 116 -18.82 20.79 -43.57
CA LYS A 116 -17.70 19.88 -43.84
C LYS A 116 -18.17 18.44 -44.02
N LEU A 117 -19.11 18.01 -43.17
CA LEU A 117 -19.68 16.67 -43.26
C LEU A 117 -20.49 16.50 -44.54
N GLU A 118 -21.23 17.54 -44.92
CA GLU A 118 -22.05 17.52 -46.15
C GLU A 118 -21.14 17.38 -47.37
N GLN A 119 -20.11 18.23 -47.44
CA GLN A 119 -19.13 18.19 -48.52
C GLN A 119 -18.45 16.83 -48.68
N LYS A 120 -18.19 16.14 -47.56
CA LYS A 120 -17.60 14.80 -47.62
C LYS A 120 -18.53 13.72 -48.17
N GLY A 121 -19.81 14.05 -48.41
CA GLY A 121 -20.82 13.08 -48.83
C GLY A 121 -21.34 12.21 -47.70
N ASP A 122 -21.05 12.61 -46.47
CA ASP A 122 -21.41 11.82 -45.29
C ASP A 122 -22.76 12.24 -44.72
N ILE A 123 -23.31 13.37 -45.18
CA ILE A 123 -24.71 13.70 -44.90
C ILE A 123 -25.56 13.64 -46.19
N TYR A 124 -26.76 13.03 -46.08
CA TYR A 124 -27.79 12.81 -47.15
C TYR A 124 -29.22 12.99 -46.62
N LEU A 125 -30.16 13.35 -47.50
CA LEU A 125 -31.58 13.49 -47.12
C LEU A 125 -32.25 12.13 -47.15
N GLY A 126 -32.87 11.77 -46.02
CA GLY A 126 -33.58 10.51 -45.87
C GLY A 126 -34.77 10.62 -44.92
N ARG A 127 -35.22 9.46 -44.42
CA ARG A 127 -36.22 9.35 -43.34
C ARG A 127 -35.67 8.65 -42.08
N TYR A 128 -36.18 9.11 -40.94
CA TYR A 128 -36.15 8.31 -39.74
C TYR A 128 -37.59 7.96 -39.41
N GLU A 129 -37.88 6.66 -39.36
CA GLU A 129 -39.16 6.11 -38.88
C GLU A 129 -38.86 5.18 -37.71
N GLY A 130 -38.92 5.70 -36.48
CA GLY A 130 -38.65 4.89 -35.30
C GLY A 130 -38.98 5.57 -33.98
N TRP A 131 -38.47 5.01 -32.89
CA TRP A 131 -38.71 5.54 -31.52
C TRP A 131 -37.69 6.59 -31.13
N TYR A 132 -38.09 7.47 -30.22
CA TYR A 132 -37.25 8.57 -29.76
C TYR A 132 -37.62 8.97 -28.34
N SER A 133 -36.63 9.11 -27.46
CA SER A 133 -36.84 9.65 -26.10
C SER A 133 -36.53 11.12 -26.09
N ILE A 134 -37.56 11.94 -25.88
CA ILE A 134 -37.42 13.39 -25.89
C ILE A 134 -36.51 13.86 -24.76
N SER A 135 -36.64 13.23 -23.60
CA SER A 135 -35.83 13.56 -22.44
C SER A 135 -34.36 13.20 -22.55
N ASP A 136 -34.06 12.08 -23.20
CA ASP A 136 -32.67 11.68 -23.50
C ASP A 136 -32.15 12.29 -24.80
N GLU A 137 -33.07 12.83 -25.63
CA GLU A 137 -32.79 13.33 -26.99
C GLU A 137 -32.09 12.27 -27.83
N SER A 138 -32.54 11.02 -27.67
CA SER A 138 -31.82 9.82 -28.14
C SER A 138 -32.72 9.03 -29.09
N PHE A 139 -32.16 8.54 -30.19
CA PHE A 139 -32.84 7.61 -31.09
C PHE A 139 -32.68 6.20 -30.55
N LEU A 140 -33.78 5.46 -30.47
CA LEU A 140 -33.80 4.10 -29.92
C LEU A 140 -34.37 3.10 -30.92
N THR A 141 -33.79 1.90 -30.94
CA THR A 141 -34.34 0.77 -31.70
C THR A 141 -35.44 0.09 -30.86
N PRO A 142 -36.27 -0.79 -31.47
CA PRO A 142 -37.36 -1.40 -30.69
C PRO A 142 -36.91 -2.35 -29.56
N GLN A 143 -35.68 -2.87 -29.62
CA GLN A 143 -35.14 -3.72 -28.54
C GLN A 143 -34.88 -2.92 -27.26
N ASN A 144 -34.63 -1.60 -27.40
CA ASN A 144 -34.37 -0.72 -26.25
C ASN A 144 -35.62 -0.06 -25.62
N ILE A 145 -36.83 -0.59 -25.86
CA ILE A 145 -38.06 -0.01 -25.28
C ILE A 145 -38.93 -1.13 -24.71
N THR A 146 -39.73 -0.78 -23.70
CA THR A 146 -40.62 -1.73 -23.03
C THR A 146 -41.79 -0.94 -22.43
N ASP A 147 -42.75 -1.59 -21.74
CA ASP A 147 -43.96 -0.89 -21.25
C ASP A 147 -43.76 -0.21 -19.91
N GLY A 148 -44.60 0.79 -19.62
CA GLY A 148 -44.49 1.54 -18.38
C GLY A 148 -45.62 2.56 -18.21
N VAL A 149 -45.40 3.58 -17.40
CA VAL A 149 -46.41 4.62 -17.13
C VAL A 149 -46.00 6.08 -17.27
N ASP A 150 -46.96 6.95 -17.56
CA ASP A 150 -46.71 8.39 -17.69
C ASP A 150 -47.16 9.12 -16.44
N LYS A 151 -46.83 10.40 -16.35
CA LYS A 151 -47.17 11.16 -15.16
C LYS A 151 -48.67 11.09 -15.00
N ASP A 152 -49.36 10.83 -16.09
CA ASP A 152 -50.79 10.66 -16.11
C ASP A 152 -51.09 9.17 -15.91
N GLY A 153 -50.05 8.37 -15.70
CA GLY A 153 -50.21 6.95 -15.48
C GLY A 153 -51.00 6.16 -16.49
N ASN A 154 -50.65 6.24 -17.75
CA ASN A 154 -51.36 5.52 -18.78
C ASN A 154 -50.46 4.51 -19.46
N PRO A 155 -51.06 3.50 -20.08
CA PRO A 155 -50.27 2.47 -20.76
C PRO A 155 -49.47 3.05 -21.93
N CYS A 156 -48.26 3.52 -21.63
CA CYS A 156 -47.33 4.04 -22.62
C CYS A 156 -46.07 3.17 -22.69
N LYS A 157 -45.15 3.55 -23.57
CA LYS A 157 -43.87 2.88 -23.71
C LYS A 157 -42.77 3.79 -23.16
N VAL A 158 -41.70 3.18 -22.64
CA VAL A 158 -40.57 3.91 -22.08
C VAL A 158 -39.23 3.30 -22.49
N SER A 159 -38.18 4.13 -22.41
CA SER A 159 -36.80 3.73 -22.72
C SER A 159 -36.27 2.75 -21.68
N LEU A 160 -35.63 1.67 -22.15
CA LEU A 160 -34.95 0.73 -21.25
C LEU A 160 -33.73 1.37 -20.60
N GLU A 161 -33.06 2.27 -21.33
CA GLU A 161 -31.92 3.05 -20.85
C GLU A 161 -32.30 3.86 -19.60
N SER A 162 -33.22 4.80 -19.79
CA SER A 162 -33.53 5.83 -18.79
C SER A 162 -34.87 5.67 -18.07
N GLY A 163 -35.87 5.12 -18.74
CA GLY A 163 -37.22 4.99 -18.19
C GLY A 163 -38.16 6.14 -18.50
N HIS A 164 -37.66 7.17 -19.19
CA HIS A 164 -38.50 8.30 -19.62
C HIS A 164 -39.40 7.86 -20.77
N VAL A 165 -40.42 8.67 -21.04
CA VAL A 165 -41.40 8.32 -22.05
C VAL A 165 -40.79 8.41 -23.47
N VAL A 166 -41.17 7.46 -24.32
CA VAL A 166 -40.78 7.47 -25.74
C VAL A 166 -41.99 7.74 -26.63
N THR A 167 -41.70 8.24 -27.82
CA THR A 167 -42.69 8.59 -28.81
C THR A 167 -42.18 8.08 -30.15
N TRP A 168 -43.11 7.73 -31.03
CA TRP A 168 -42.78 7.33 -32.40
C TRP A 168 -42.64 8.61 -33.21
N VAL A 169 -41.63 8.61 -34.08
CA VAL A 169 -41.30 9.73 -34.94
C VAL A 169 -41.18 9.22 -36.35
N SER A 170 -41.85 9.92 -37.27
CA SER A 170 -41.74 9.64 -38.71
C SER A 170 -41.53 10.95 -39.45
N GLU A 171 -40.27 11.33 -39.59
CA GLU A 171 -39.85 12.55 -40.27
C GLU A 171 -38.84 12.28 -41.38
N GLU A 172 -38.91 13.09 -42.44
CA GLU A 172 -37.87 13.17 -43.45
C GLU A 172 -36.71 13.96 -42.85
N ASN A 173 -35.56 13.31 -42.60
CA ASN A 173 -34.42 13.91 -41.88
C ASN A 173 -33.14 13.87 -42.73
N TYR A 174 -32.27 14.85 -42.53
CA TYR A 174 -30.87 14.73 -42.96
C TYR A 174 -30.20 13.63 -42.13
N MET A 175 -29.63 12.64 -42.81
CA MET A 175 -29.05 11.47 -42.15
C MET A 175 -27.52 11.47 -42.26
N PHE A 176 -26.83 11.16 -41.16
CA PHE A 176 -25.37 10.96 -41.16
C PHE A 176 -25.03 9.49 -41.38
N ARG A 177 -24.06 9.23 -42.27
CA ARG A 177 -23.70 7.86 -42.68
C ARG A 177 -22.84 7.14 -41.63
N LEU A 178 -23.41 6.94 -40.45
CA LEU A 178 -22.69 6.36 -39.35
C LEU A 178 -22.28 4.92 -39.66
N SER A 179 -23.14 4.19 -40.36
CA SER A 179 -22.84 2.82 -40.80
C SER A 179 -21.50 2.68 -41.50
N ALA A 180 -21.10 3.71 -42.25
CA ALA A 180 -19.82 3.72 -42.96
C ALA A 180 -18.57 3.87 -42.08
N PHE A 181 -18.75 4.18 -40.79
CA PHE A 181 -17.67 4.42 -39.84
C PHE A 181 -17.46 3.28 -38.81
N ARG A 182 -18.17 2.16 -39.00
CA ARG A 182 -18.07 0.99 -38.13
C ARG A 182 -16.66 0.41 -38.08
N GLU A 183 -16.09 0.12 -39.24
CA GLU A 183 -14.72 -0.40 -39.30
C GLU A 183 -13.70 0.55 -38.69
N ARG A 184 -13.65 1.80 -39.16
CA ARG A 184 -12.70 2.80 -38.64
C ARG A 184 -12.84 3.03 -37.13
N LEU A 185 -14.06 2.97 -36.59
CA LEU A 185 -14.28 3.09 -35.12
C LEU A 185 -13.68 1.91 -34.35
N LEU A 186 -13.94 0.70 -34.85
CA LEU A 186 -13.35 -0.49 -34.25
C LEU A 186 -11.82 -0.47 -34.24
N GLU A 187 -11.20 0.00 -35.34
CA GLU A 187 -9.76 0.21 -35.41
C GLU A 187 -9.29 1.13 -34.31
N TRP A 188 -9.98 2.26 -34.14
CA TRP A 188 -9.64 3.25 -33.12
C TRP A 188 -9.65 2.64 -31.71
N TYR A 189 -10.69 1.86 -31.39
CA TYR A 189 -10.82 1.26 -30.05
C TYR A 189 -9.68 0.28 -29.80
N HIS A 190 -9.49 -0.66 -30.75
CA HIS A 190 -8.47 -1.71 -30.63
CA HIS A 190 -8.47 -1.72 -30.68
C HIS A 190 -7.04 -1.15 -30.68
N ALA A 191 -6.83 -0.06 -31.42
CA ALA A 191 -5.53 0.59 -31.46
C ALA A 191 -5.20 1.41 -30.21
N ASN A 192 -6.22 1.91 -29.50
CA ASN A 192 -6.02 2.79 -28.34
C ASN A 192 -6.79 2.25 -27.15
N PRO A 193 -6.29 1.17 -26.54
CA PRO A 193 -7.08 0.47 -25.51
C PRO A 193 -7.31 1.21 -24.16
N GLY A 194 -6.64 2.34 -23.97
CA GLY A 194 -6.93 3.22 -22.83
C GLY A 194 -7.92 4.34 -23.11
N CYS A 195 -8.48 4.41 -24.33
CA CYS A 195 -9.25 5.56 -24.78
C CYS A 195 -10.66 5.65 -24.21
N ILE A 196 -11.17 4.55 -23.67
CA ILE A 196 -12.44 4.57 -22.95
C ILE A 196 -12.24 3.94 -21.57
N VAL A 197 -12.65 4.65 -20.54
CA VAL A 197 -12.41 4.25 -19.16
C VAL A 197 -13.74 4.34 -18.40
N PRO A 198 -14.05 3.39 -17.53
CA PRO A 198 -13.25 2.20 -17.21
C PRO A 198 -13.40 1.11 -18.27
N GLU A 199 -12.56 0.07 -18.17
CA GLU A 199 -12.47 -0.94 -19.20
C GLU A 199 -13.81 -1.63 -19.51
N PHE A 200 -14.62 -1.93 -18.51
CA PHE A 200 -15.88 -2.61 -18.79
C PHE A 200 -16.84 -1.76 -19.67
N ARG A 201 -16.73 -0.43 -19.58
CA ARG A 201 -17.47 0.47 -20.48
C ARG A 201 -16.85 0.50 -21.87
N ARG A 202 -15.54 0.36 -21.96
CA ARG A 202 -14.88 0.19 -23.27
C ARG A 202 -15.38 -1.05 -23.99
N ARG A 203 -15.42 -2.17 -23.26
CA ARG A 203 -15.95 -3.43 -23.78
C ARG A 203 -17.42 -3.29 -24.22
N GLU A 204 -18.23 -2.56 -23.45
CA GLU A 204 -19.63 -2.26 -23.84
C GLU A 204 -19.74 -1.57 -25.20
N VAL A 205 -18.96 -0.50 -25.39
CA VAL A 205 -18.99 0.28 -26.64
C VAL A 205 -18.56 -0.59 -27.81
N ILE A 206 -17.53 -1.41 -27.61
CA ILE A 206 -16.99 -2.24 -28.70
C ILE A 206 -18.00 -3.28 -29.14
N ARG A 207 -18.63 -3.98 -28.19
CA ARG A 207 -19.65 -4.96 -28.55
C ARG A 207 -20.74 -4.32 -29.41
N ALA A 208 -21.21 -3.14 -28.97
CA ALA A 208 -22.28 -2.41 -29.65
C ALA A 208 -21.95 -2.07 -31.10
N VAL A 209 -20.72 -1.60 -31.35
CA VAL A 209 -20.31 -1.23 -32.71
C VAL A 209 -20.13 -2.50 -33.57
N GLU A 210 -19.64 -3.56 -32.96
CA GLU A 210 -19.51 -4.84 -33.66
C GLU A 210 -20.86 -5.38 -34.11
N LYS A 211 -21.92 -5.19 -33.33
CA LYS A 211 -23.28 -5.62 -33.76
C LYS A 211 -23.71 -4.99 -35.10
N GLY A 212 -23.35 -3.72 -35.31
CA GLY A 212 -23.67 -2.99 -36.54
C GLY A 212 -24.18 -1.61 -36.19
N LEU A 213 -24.01 -0.67 -37.11
CA LEU A 213 -24.41 0.72 -36.90
C LEU A 213 -25.43 1.19 -37.94
N PRO A 214 -26.60 1.67 -37.49
CA PRO A 214 -27.50 2.35 -38.40
C PRO A 214 -27.02 3.78 -38.68
N ASP A 215 -27.48 4.37 -39.78
CA ASP A 215 -27.20 5.78 -40.04
C ASP A 215 -27.94 6.61 -39.02
N LEU A 216 -27.40 7.78 -38.72
CA LEU A 216 -27.91 8.60 -37.63
C LEU A 216 -28.60 9.80 -38.20
N SER A 217 -29.84 9.99 -37.78
CA SER A 217 -30.58 11.22 -38.08
C SER A 217 -29.94 12.40 -37.37
N VAL A 218 -29.54 13.42 -38.13
CA VAL A 218 -28.90 14.61 -37.56
C VAL A 218 -29.67 15.92 -37.77
N SER A 219 -30.86 15.85 -38.34
CA SER A 219 -31.75 17.01 -38.42
C SER A 219 -33.17 16.63 -38.05
N ARG A 220 -33.93 17.61 -37.60
CA ARG A 220 -35.36 17.44 -37.42
C ARG A 220 -36.08 18.56 -38.15
N ALA A 221 -37.36 18.33 -38.47
CA ALA A 221 -38.24 19.35 -38.99
C ALA A 221 -38.49 20.41 -37.92
N ARG A 222 -38.33 21.69 -38.29
CA ARG A 222 -38.27 22.81 -37.33
C ARG A 222 -39.52 22.91 -36.44
N ALA A 223 -40.68 22.55 -36.99
CA ALA A 223 -41.93 22.55 -36.22
C ALA A 223 -41.82 21.66 -34.97
N THR A 224 -41.23 20.47 -35.10
CA THR A 224 -41.08 19.54 -33.98
C THR A 224 -40.25 20.09 -32.82
N LEU A 225 -39.22 20.86 -33.15
CA LEU A 225 -38.34 21.48 -32.16
C LEU A 225 -38.83 22.81 -31.60
N HIS A 226 -40.05 23.22 -31.95
CA HIS A 226 -40.61 24.53 -31.56
C HIS A 226 -39.63 25.66 -31.96
N ASN A 227 -38.94 25.44 -33.09
CA ASN A 227 -37.92 26.34 -33.63
C ASN A 227 -36.74 26.71 -32.71
N TRP A 228 -36.56 25.97 -31.62
CA TRP A 228 -35.55 26.31 -30.63
C TRP A 228 -34.30 25.46 -30.89
N ALA A 229 -33.58 25.84 -31.94
CA ALA A 229 -32.47 25.07 -32.47
C ALA A 229 -31.70 25.85 -33.55
N ILE A 230 -30.62 25.26 -34.02
CA ILE A 230 -29.78 25.88 -35.04
C ILE A 230 -30.33 25.47 -36.41
N PRO A 231 -30.54 26.43 -37.34
CA PRO A 231 -30.96 26.03 -38.68
C PRO A 231 -29.88 25.26 -39.44
N VAL A 232 -30.30 24.28 -40.22
CA VAL A 232 -29.41 23.57 -41.14
C VAL A 232 -28.94 24.55 -42.22
N PRO A 233 -27.61 24.64 -42.44
CA PRO A 233 -27.06 25.48 -43.52
C PRO A 233 -27.68 25.20 -44.90
N GLY A 234 -28.37 26.20 -45.43
CA GLY A 234 -29.02 26.11 -46.73
C GLY A 234 -30.32 25.32 -46.77
N ASN A 235 -30.92 25.03 -45.62
CA ASN A 235 -32.30 24.50 -45.59
C ASN A 235 -33.01 24.86 -44.28
N PRO A 236 -33.55 26.09 -44.19
CA PRO A 236 -34.17 26.55 -42.93
C PRO A 236 -35.45 25.82 -42.49
N ASP A 237 -36.00 24.94 -43.34
CA ASP A 237 -37.09 24.04 -42.90
C ASP A 237 -36.65 23.04 -41.84
N HIS A 238 -35.36 22.70 -41.83
CA HIS A 238 -34.81 21.76 -40.85
C HIS A 238 -33.89 22.47 -39.82
N CYS A 239 -33.82 21.87 -38.64
CA CYS A 239 -32.93 22.30 -37.57
C CYS A 239 -31.90 21.17 -37.27
N VAL A 240 -30.74 21.55 -36.73
CA VAL A 240 -29.66 20.59 -36.40
C VAL A 240 -30.00 19.86 -35.08
N TYR A 241 -29.89 18.52 -35.12
CA TYR A 241 -30.01 17.59 -33.95
C TYR A 241 -29.27 18.16 -32.81
N VAL A 242 -29.92 18.22 -31.65
CA VAL A 242 -29.31 18.82 -30.48
C VAL A 242 -27.95 18.18 -30.15
N TRP A 243 -27.77 16.90 -30.44
CA TRP A 243 -26.54 16.22 -30.05
C TRP A 243 -25.33 16.55 -30.90
N LEU A 244 -25.51 16.77 -32.20
CA LEU A 244 -24.41 17.29 -33.05
C LEU A 244 -24.03 18.72 -32.69
N ASP A 245 -25.06 19.54 -32.48
CA ASP A 245 -24.98 20.86 -31.84
C ASP A 245 -24.20 20.73 -30.53
N ALA A 246 -24.61 19.81 -29.66
CA ALA A 246 -24.08 19.72 -28.30
C ALA A 246 -22.65 19.22 -28.27
N LEU A 247 -22.40 18.07 -28.91
CA LEU A 247 -21.05 17.53 -29.00
C LEU A 247 -20.05 18.55 -29.58
N THR A 248 -20.50 19.38 -30.51
CA THR A 248 -19.64 20.38 -31.11
C THR A 248 -19.13 21.45 -30.12
N ASN A 249 -19.71 21.56 -28.92
CA ASN A 249 -19.24 22.53 -27.91
C ASN A 249 -17.77 22.37 -27.59
N TYR A 250 -17.28 21.14 -27.68
CA TYR A 250 -15.88 20.85 -27.40
C TYR A 250 -14.97 21.48 -28.45
N LEU A 251 -15.41 21.41 -29.72
CA LEU A 251 -14.68 22.04 -30.83
C LEU A 251 -14.74 23.57 -30.70
N THR A 252 -15.93 24.11 -30.53
CA THR A 252 -16.10 25.55 -30.26
C THR A 252 -15.16 26.01 -29.13
N GLY A 253 -15.25 25.33 -27.98
CA GLY A 253 -14.43 25.65 -26.81
C GLY A 253 -12.94 25.72 -27.14
N SER A 254 -12.48 24.78 -27.96
CA SER A 254 -11.07 24.72 -28.28
C SER A 254 -10.57 25.85 -29.19
N ARG A 255 -11.51 26.65 -29.73
CA ARG A 255 -11.21 27.77 -30.64
C ARG A 255 -11.55 29.16 -30.07
N LEU A 256 -12.00 29.24 -28.82
CA LEU A 256 -12.32 30.52 -28.22
C LEU A 256 -11.16 31.12 -27.41
N ARG A 257 -10.70 32.31 -27.81
CA ARG A 257 -9.87 33.16 -26.94
C ARG A 257 -10.73 33.75 -25.84
N VAL A 258 -10.24 33.67 -24.61
CA VAL A 258 -10.97 34.12 -23.43
C VAL A 258 -10.13 35.18 -22.74
N ASP A 259 -10.79 36.16 -22.10
CA ASP A 259 -10.11 37.28 -21.41
C ASP A 259 -9.92 37.04 -19.90
N GLU A 260 -9.38 38.04 -19.20
CA GLU A 260 -9.24 38.01 -17.74
C GLU A 260 -10.50 37.59 -16.97
N SER A 261 -11.66 38.14 -17.33
CA SER A 261 -12.90 37.90 -16.57
C SER A 261 -13.64 36.60 -16.94
N GLY A 262 -13.17 35.87 -17.95
CA GLY A 262 -13.80 34.60 -18.37
C GLY A 262 -14.84 34.71 -19.49
N LYS A 263 -15.07 35.91 -20.00
CA LYS A 263 -15.92 36.12 -21.19
C LYS A 263 -15.11 35.81 -22.45
N GLU A 264 -15.75 35.18 -23.43
CA GLU A 264 -15.10 34.94 -24.74
C GLU A 264 -14.97 36.22 -25.57
N VAL A 265 -13.85 36.38 -26.27
CA VAL A 265 -13.61 37.59 -27.07
C VAL A 265 -13.44 37.32 -28.59
N SER A 266 -12.89 36.16 -28.96
CA SER A 266 -12.54 35.89 -30.36
C SER A 266 -12.71 34.40 -30.65
N LEU A 267 -13.08 34.05 -31.88
CA LEU A 267 -13.15 32.65 -32.32
C LEU A 267 -12.15 32.43 -33.45
N VAL A 268 -11.07 31.74 -33.18
CA VAL A 268 -10.05 31.51 -34.22
C VAL A 268 -10.51 30.52 -35.29
N ASP A 269 -9.99 30.71 -36.50
CA ASP A 269 -10.33 29.86 -37.64
C ASP A 269 -9.82 28.44 -37.49
N ASP A 270 -8.57 28.31 -37.07
CA ASP A 270 -7.87 27.03 -37.00
C ASP A 270 -7.74 26.63 -35.54
N PHE A 271 -8.24 25.44 -35.19
CA PHE A 271 -8.12 24.92 -33.81
C PHE A 271 -6.67 24.81 -33.31
N ASN A 272 -5.76 24.47 -34.22
CA ASN A 272 -4.33 24.38 -33.90
C ASN A 272 -3.74 25.66 -33.32
N GLU A 273 -4.33 26.80 -33.61
CA GLU A 273 -3.84 28.07 -33.08
C GLU A 273 -3.75 28.10 -31.56
N LEU A 274 -4.73 27.50 -30.86
CA LEU A 274 -4.74 27.50 -29.39
C LEU A 274 -4.20 26.21 -28.72
N GLU A 275 -3.87 25.20 -29.54
CA GLU A 275 -3.23 23.94 -29.07
C GLU A 275 -4.08 23.17 -28.03
N ARG A 276 -5.40 23.22 -28.20
CA ARG A 276 -6.34 22.60 -27.26
C ARG A 276 -6.97 21.34 -27.81
N PHE A 277 -7.44 21.41 -29.05
CA PHE A 277 -8.13 20.27 -29.66
C PHE A 277 -7.11 19.21 -30.10
N PRO A 278 -7.40 17.93 -29.92
CA PRO A 278 -8.60 17.40 -29.26
C PRO A 278 -8.45 17.26 -27.75
N ALA A 279 -9.57 17.04 -27.08
CA ALA A 279 -9.60 16.83 -25.64
C ALA A 279 -8.69 15.69 -25.24
N ASP A 280 -7.95 15.89 -24.16
CA ASP A 280 -7.15 14.83 -23.57
C ASP A 280 -8.02 13.94 -22.68
N VAL A 281 -9.02 14.53 -22.05
CA VAL A 281 -10.06 13.80 -21.32
C VAL A 281 -11.43 14.44 -21.55
N HIS A 282 -12.42 13.64 -21.97
CA HIS A 282 -13.82 14.01 -21.86
C HIS A 282 -14.41 13.32 -20.63
N VAL A 283 -14.85 14.10 -19.63
CA VAL A 283 -15.59 13.55 -18.48
C VAL A 283 -17.07 13.51 -18.84
N ILE A 284 -17.70 12.36 -18.62
CA ILE A 284 -19.13 12.17 -18.89
C ILE A 284 -19.75 11.20 -17.90
N GLY A 285 -21.07 11.19 -17.85
CA GLY A 285 -21.80 10.13 -17.15
C GLY A 285 -22.04 8.98 -18.09
N LYS A 286 -22.32 7.80 -17.51
CA LYS A 286 -22.58 6.58 -18.29
C LYS A 286 -23.77 6.68 -19.24
N ASP A 287 -24.75 7.51 -18.85
CA ASP A 287 -25.91 7.80 -19.70
C ASP A 287 -25.61 8.30 -21.13
N ILE A 288 -24.48 8.98 -21.34
CA ILE A 288 -24.19 9.62 -22.63
C ILE A 288 -22.94 9.05 -23.27
N LEU A 289 -22.70 7.76 -23.03
CA LEU A 289 -21.45 7.14 -23.46
C LEU A 289 -21.45 6.97 -24.96
N LYS A 290 -22.54 6.45 -25.50
CA LYS A 290 -22.62 6.19 -26.94
C LYS A 290 -22.43 7.43 -27.80
N PHE A 291 -22.95 8.57 -27.31
CA PHE A 291 -22.86 9.82 -28.05
C PHE A 291 -21.39 10.28 -28.14
N HIS A 292 -20.63 10.08 -27.06
CA HIS A 292 -19.22 10.50 -26.97
C HIS A 292 -18.21 9.50 -27.53
N ALA A 293 -18.54 8.21 -27.48
CA ALA A 293 -17.63 7.14 -27.93
C ALA A 293 -17.93 6.57 -29.33
N ILE A 294 -19.15 6.80 -29.84
CA ILE A 294 -19.55 6.33 -31.18
C ILE A 294 -19.82 7.50 -32.13
N TYR A 295 -20.82 8.33 -31.86
CA TYR A 295 -21.19 9.44 -32.76
C TYR A 295 -20.05 10.45 -32.96
N TRP A 296 -19.55 10.97 -31.85
CA TRP A 296 -18.54 12.02 -31.82
C TRP A 296 -17.27 11.64 -32.61
N PRO A 297 -16.67 10.46 -32.30
CA PRO A 297 -15.50 10.11 -33.14
C PRO A 297 -15.83 9.96 -34.64
N ALA A 298 -17.03 9.48 -34.97
CA ALA A 298 -17.43 9.35 -36.38
C ALA A 298 -17.57 10.68 -37.10
N PHE A 299 -18.14 11.68 -36.40
CA PHE A 299 -18.20 13.05 -36.92
C PHE A 299 -16.80 13.62 -37.16
N LEU A 300 -15.90 13.37 -36.21
CA LEU A 300 -14.54 13.86 -36.29
C LEU A 300 -13.79 13.12 -37.37
N LEU A 301 -14.04 11.83 -37.53
CA LEU A 301 -13.43 11.06 -38.61
C LEU A 301 -13.89 11.58 -39.98
N SER A 302 -15.19 11.82 -40.13
CA SER A 302 -15.77 12.35 -41.36
C SER A 302 -15.13 13.68 -41.73
N ALA A 303 -15.00 14.56 -40.73
CA ALA A 303 -14.45 15.91 -40.95
C ALA A 303 -12.91 15.98 -41.04
N GLY A 304 -12.21 14.87 -40.87
CA GLY A 304 -10.75 14.85 -40.84
C GLY A 304 -10.12 15.54 -39.63
N LEU A 305 -10.85 15.61 -38.51
CA LEU A 305 -10.36 16.17 -37.26
C LEU A 305 -9.77 15.05 -36.39
N PRO A 306 -8.87 15.41 -35.47
CA PRO A 306 -8.27 14.40 -34.58
C PRO A 306 -9.22 13.98 -33.47
N LEU A 307 -9.10 12.71 -33.08
CA LEU A 307 -10.00 12.13 -32.09
C LEU A 307 -9.47 12.43 -30.70
N PRO A 308 -10.37 12.50 -29.70
CA PRO A 308 -9.90 12.67 -28.32
C PRO A 308 -9.04 11.49 -27.84
N LYS A 309 -8.33 11.72 -26.75
CA LYS A 309 -7.41 10.73 -26.21
C LYS A 309 -8.09 9.76 -25.26
N LYS A 310 -8.87 10.29 -24.30
CA LYS A 310 -9.60 9.50 -23.33
C LYS A 310 -11.02 10.03 -23.15
N ILE A 311 -11.96 9.10 -22.99
CA ILE A 311 -13.29 9.39 -22.50
C ILE A 311 -13.46 8.62 -21.20
N VAL A 312 -13.78 9.31 -20.12
CA VAL A 312 -14.01 8.67 -18.82
C VAL A 312 -15.49 8.82 -18.45
N ALA A 313 -16.16 7.69 -18.23
CA ALA A 313 -17.58 7.65 -17.92
C ALA A 313 -17.80 7.14 -16.51
N HIS A 314 -18.47 7.94 -15.68
CA HIS A 314 -18.66 7.64 -14.25
C HIS A 314 -20.03 7.04 -13.92
N GLY A 315 -20.23 6.70 -12.65
CA GLY A 315 -21.38 5.93 -12.22
C GLY A 315 -22.70 6.64 -12.13
N TRP A 316 -22.67 7.90 -11.72
CA TRP A 316 -23.89 8.69 -11.58
C TRP A 316 -24.61 8.86 -12.93
N TRP A 317 -25.82 9.44 -12.87
CA TRP A 317 -26.60 9.83 -14.05
C TRP A 317 -26.51 11.35 -14.20
N THR A 318 -26.15 11.83 -15.39
CA THR A 318 -25.95 13.27 -15.67
C THR A 318 -27.27 14.10 -15.77
N LYS A 319 -28.42 13.44 -15.77
CA LYS A 319 -29.72 14.10 -16.04
C LYS A 319 -30.71 13.92 -14.89
N ASN A 330 -36.46 12.52 -1.19
CA ASN A 330 -35.00 12.42 -1.20
C ASN A 330 -34.22 13.52 -1.96
N VAL A 331 -33.91 14.61 -1.25
CA VAL A 331 -33.10 15.72 -1.77
C VAL A 331 -31.64 15.57 -1.29
N PHE A 332 -30.69 15.98 -2.14
CA PHE A 332 -29.29 16.07 -1.77
C PHE A 332 -28.62 17.29 -2.43
N ASP A 333 -28.76 18.45 -1.77
CA ASP A 333 -28.25 19.72 -2.29
C ASP A 333 -26.76 19.86 -1.96
N PRO A 334 -25.89 19.91 -2.98
CA PRO A 334 -24.46 19.99 -2.69
C PRO A 334 -24.08 21.24 -1.92
N VAL A 335 -24.64 22.39 -2.30
CA VAL A 335 -24.26 23.67 -1.67
C VAL A 335 -24.68 23.70 -0.18
N GLU A 336 -25.81 23.08 0.14
CA GLU A 336 -26.28 22.94 1.53
C GLU A 336 -25.29 22.07 2.32
N LYS A 337 -24.99 20.89 1.79
CA LYS A 337 -24.11 19.93 2.45
C LYS A 337 -22.67 20.43 2.60
N ALA A 338 -22.20 21.25 1.67
CA ALA A 338 -20.87 21.87 1.79
C ALA A 338 -20.84 22.93 2.88
N GLU A 339 -21.92 23.70 3.00
CA GLU A 339 -22.05 24.66 4.09
C GLU A 339 -22.13 23.98 5.48
N GLU A 340 -22.64 22.75 5.55
CA GLU A 340 -22.72 22.03 6.81
C GLU A 340 -21.40 21.34 7.23
N PHE A 341 -20.69 20.72 6.28
CA PHE A 341 -19.49 19.91 6.58
C PHE A 341 -18.16 20.49 6.09
N GLY A 342 -18.19 21.48 5.18
CA GLY A 342 -16.99 22.02 4.52
C GLY A 342 -17.00 21.72 3.02
N TYR A 343 -16.42 22.64 2.23
CA TYR A 343 -16.42 22.49 0.76
C TYR A 343 -15.45 21.40 0.25
N ASP A 344 -14.19 21.53 0.64
CA ASP A 344 -13.18 20.53 0.31
C ASP A 344 -13.55 19.15 0.88
N ALA A 345 -14.15 19.15 2.08
CA ALA A 345 -14.61 17.90 2.72
C ALA A 345 -15.64 17.13 1.87
N LEU A 346 -16.62 17.85 1.33
CA LEU A 346 -17.65 17.24 0.48
C LEU A 346 -17.05 16.70 -0.82
N LYS A 347 -16.17 17.48 -1.43
CA LYS A 347 -15.51 17.06 -2.66
C LYS A 347 -14.72 15.79 -2.40
N TYR A 348 -13.98 15.78 -1.29
CA TYR A 348 -13.26 14.59 -0.86
C TYR A 348 -14.16 13.38 -0.75
N PHE A 349 -15.32 13.56 -0.13
CA PHE A 349 -16.27 12.47 0.03
C PHE A 349 -16.78 11.91 -1.29
N LEU A 350 -17.17 12.79 -2.21
CA LEU A 350 -17.69 12.35 -3.51
C LEU A 350 -16.66 11.61 -4.37
N LEU A 351 -15.41 12.04 -4.26
CA LEU A 351 -14.32 11.46 -5.02
C LEU A 351 -13.79 10.20 -4.38
N ARG A 352 -13.84 10.12 -3.05
CA ARG A 352 -13.36 8.95 -2.32
C ARG A 352 -14.40 7.81 -2.23
N GLU A 353 -15.68 8.17 -2.10
CA GLU A 353 -16.73 7.18 -1.79
C GLU A 353 -17.12 6.26 -2.95
N SER A 354 -16.92 6.74 -4.18
CA SER A 354 -17.37 6.04 -5.37
C SER A 354 -16.27 5.95 -6.39
N GLY A 355 -16.21 4.80 -7.04
CA GLY A 355 -15.42 4.65 -8.23
C GLY A 355 -16.44 4.69 -9.35
N PHE A 356 -16.28 3.75 -10.28
CA PHE A 356 -16.93 3.80 -11.56
C PHE A 356 -18.16 2.90 -11.71
N SER A 357 -18.30 1.90 -10.84
CA SER A 357 -19.62 1.37 -10.52
C SER A 357 -20.18 2.38 -9.51
N ASP A 358 -21.46 2.71 -9.66
CA ASP A 358 -22.11 3.75 -8.83
C ASP A 358 -22.47 3.36 -7.40
N ASP A 359 -22.53 2.06 -7.09
CA ASP A 359 -22.86 1.60 -5.73
C ASP A 359 -21.80 2.05 -4.74
N GLY A 360 -22.12 3.18 -4.11
CA GLY A 360 -21.50 3.68 -2.91
C GLY A 360 -22.60 4.33 -2.10
N ASP A 361 -22.29 4.58 -0.82
CA ASP A 361 -23.17 5.14 0.19
C ASP A 361 -22.95 6.62 0.42
N TYR A 362 -24.00 7.42 0.27
CA TYR A 362 -23.91 8.86 0.43
C TYR A 362 -24.62 9.50 1.61
N SER A 363 -24.83 8.73 2.66
CA SER A 363 -25.49 9.16 3.87
C SER A 363 -24.65 10.07 4.70
N ASP A 364 -25.28 10.83 5.58
CA ASP A 364 -24.56 11.71 6.49
C ASP A 364 -23.71 10.84 7.38
N LYS A 365 -24.26 9.75 7.82
CA LYS A 365 -23.52 8.91 8.70
C LYS A 365 -22.21 8.60 8.11
N ASN A 366 -22.18 8.27 6.84
CA ASN A 366 -20.93 7.96 6.20
C ASN A 366 -19.97 9.13 6.00
N MET A 367 -20.48 10.29 5.62
CA MET A 367 -19.62 11.43 5.38
C MET A 367 -18.97 11.78 6.66
N ILE A 368 -19.73 11.75 7.71
CA ILE A 368 -19.15 12.04 9.00
C ILE A 368 -18.07 11.01 9.34
N ALA A 369 -18.34 9.74 9.05
CA ALA A 369 -17.33 8.69 9.23
C ALA A 369 -16.03 9.06 8.53
N ARG A 370 -16.12 9.42 7.25
CA ARG A 370 -14.95 9.79 6.44
C ARG A 370 -14.33 11.13 6.85
N LEU A 371 -15.16 12.08 7.27
CA LEU A 371 -14.68 13.35 7.79
C LEU A 371 -13.81 13.14 9.05
N ASN A 372 -14.33 12.35 10.00
CA ASN A 372 -13.65 12.13 11.27
C ASN A 372 -12.52 11.14 11.10
N GLY A 373 -12.84 9.96 10.57
CA GLY A 373 -11.88 8.87 10.38
C GLY A 373 -10.66 9.20 9.53
N GLU A 374 -10.86 9.93 8.44
CA GLU A 374 -9.80 10.16 7.45
C GLU A 374 -9.30 11.61 7.46
N LEU A 375 -10.18 12.58 7.26
CA LEU A 375 -9.75 13.99 7.17
C LEU A 375 -9.26 14.58 8.49
N ALA A 376 -9.98 14.29 9.58
CA ALA A 376 -9.60 14.80 10.90
C ALA A 376 -8.52 13.93 11.55
N ASP A 377 -8.83 12.64 11.73
CA ASP A 377 -7.98 11.73 12.50
C ASP A 377 -6.69 11.35 11.77
N THR A 378 -6.73 11.19 10.44
CA THR A 378 -5.53 10.78 9.70
C THR A 378 -4.74 12.01 9.28
N LEU A 379 -5.32 12.86 8.43
CA LEU A 379 -4.60 14.02 7.88
C LEU A 379 -4.48 15.15 8.90
N GLY A 380 -5.61 15.61 9.43
CA GLY A 380 -5.65 16.77 10.30
C GLY A 380 -4.82 16.59 11.54
N ASN A 381 -5.03 15.49 12.23
CA ASN A 381 -4.26 15.10 13.40
C ASN A 381 -2.76 15.24 13.14
N LEU A 382 -2.32 14.63 12.04
CA LEU A 382 -0.93 14.54 11.68
C LEU A 382 -0.31 15.90 11.40
N VAL A 383 -1.10 16.79 10.81
CA VAL A 383 -0.67 18.17 10.55
C VAL A 383 -0.43 18.89 11.88
N MET A 384 -1.30 18.69 12.86
CA MET A 384 -1.16 19.34 14.16
C MET A 384 0.05 18.80 14.93
N ARG A 385 0.21 17.47 14.98
CA ARG A 385 1.39 16.83 15.61
C ARG A 385 2.75 17.39 15.13
N CYS A 386 2.96 17.47 13.82
CA CYS A 386 4.25 17.91 13.30
C CYS A 386 4.48 19.43 13.36
N THR A 387 3.44 20.22 13.69
CA THR A 387 3.57 21.68 13.84
C THR A 387 3.55 22.18 15.28
N SER A 388 2.99 21.41 16.22
CA SER A 388 2.70 21.92 17.58
C SER A 388 3.96 22.30 18.33
N ALA A 389 3.86 23.36 19.14
CA ALA A 389 5.02 23.90 19.88
C ALA A 389 5.58 22.93 20.92
N LYS A 390 4.73 22.02 21.40
CA LYS A 390 5.17 20.93 22.25
C LYS A 390 6.27 20.06 21.58
N ILE A 391 5.97 19.55 20.38
CA ILE A 391 6.86 18.63 19.66
C ILE A 391 7.88 19.41 18.84
N ASN A 392 7.38 20.30 17.99
CA ASN A 392 8.23 21.15 17.13
C ASN A 392 8.59 22.41 17.90
N VAL A 393 9.59 22.29 18.76
CA VAL A 393 9.92 23.35 19.72
C VAL A 393 10.46 24.64 19.08
N ASN A 394 11.22 24.51 17.99
CA ASN A 394 11.76 25.70 17.32
C ASN A 394 10.90 26.28 16.21
N GLY A 395 9.72 25.69 15.97
CA GLY A 395 8.81 26.15 14.93
C GLY A 395 9.45 26.18 13.55
N GLU A 396 10.20 25.13 13.22
CA GLU A 396 10.91 25.05 11.94
C GLU A 396 11.03 23.61 11.45
N TRP A 397 11.46 23.46 10.22
CA TRP A 397 11.84 22.18 9.67
C TRP A 397 13.26 21.89 10.17
N PRO A 398 13.44 20.90 11.09
CA PRO A 398 14.79 20.63 11.56
C PRO A 398 15.59 19.84 10.56
N SER A 399 16.90 19.79 10.79
CA SER A 399 17.81 19.09 9.90
C SER A 399 17.93 17.65 10.39
N PRO A 400 17.70 16.66 9.52
CA PRO A 400 17.63 15.28 10.03
C PRO A 400 19.01 14.72 10.37
N ALA A 401 19.06 13.79 11.32
CA ALA A 401 20.27 13.00 11.60
C ALA A 401 20.28 11.76 10.68
N ALA A 402 21.10 10.77 11.00
CA ALA A 402 21.13 9.54 10.22
C ALA A 402 19.81 8.77 10.34
N TYR A 403 19.51 8.03 9.27
CA TYR A 403 18.22 7.36 9.12
C TYR A 403 18.31 5.88 9.53
N THR A 404 17.39 5.43 10.39
CA THR A 404 17.21 3.99 10.68
C THR A 404 16.62 3.26 9.46
N GLU A 405 16.60 1.93 9.47
CA GLU A 405 15.88 1.20 8.42
C GLU A 405 14.36 1.42 8.46
N GLU A 406 13.79 1.66 9.64
CA GLU A 406 12.39 2.06 9.74
C GLU A 406 12.13 3.47 9.12
N ASP A 407 13.04 4.41 9.35
CA ASP A 407 12.98 5.73 8.71
C ASP A 407 13.00 5.61 7.18
N GLU A 408 13.91 4.78 6.69
CA GLU A 408 14.06 4.55 5.26
C GLU A 408 12.82 3.91 4.64
N SER A 409 12.19 3.00 5.39
CA SER A 409 11.00 2.30 4.88
C SER A 409 9.85 3.28 4.63
N LEU A 410 9.72 4.29 5.49
CA LEU A 410 8.68 5.31 5.31
C LEU A 410 9.04 6.26 4.18
N ILE A 411 10.30 6.70 4.17
CA ILE A 411 10.82 7.59 3.12
C ILE A 411 10.62 7.00 1.75
N GLN A 412 10.88 5.70 1.63
CA GLN A 412 10.69 5.00 0.38
C GLN A 412 9.25 5.10 -0.12
N LEU A 413 8.27 4.95 0.78
CA LEU A 413 6.86 5.13 0.44
C LEU A 413 6.56 6.54 -0.02
N ILE A 414 7.13 7.51 0.66
CA ILE A 414 6.91 8.91 0.34
C ILE A 414 7.45 9.19 -1.07
N LYS A 415 8.66 8.69 -1.35
CA LYS A 415 9.28 8.85 -2.67
C LYS A 415 8.51 8.16 -3.80
N ASP A 416 7.97 6.98 -3.53
CA ASP A 416 7.20 6.23 -4.53
C ASP A 416 5.82 6.84 -4.81
N LEU A 417 5.28 7.59 -3.84
CA LEU A 417 3.90 8.07 -3.93
C LEU A 417 3.58 8.89 -5.20
N PRO A 418 4.40 9.91 -5.52
CA PRO A 418 4.09 10.74 -6.69
C PRO A 418 3.90 9.98 -8.01
N GLY A 419 4.78 9.01 -8.27
CA GLY A 419 4.65 8.18 -9.47
C GLY A 419 3.37 7.37 -9.48
N THR A 420 3.02 6.82 -8.31
CA THR A 420 1.83 6.00 -8.12
C THR A 420 0.57 6.83 -8.32
N ALA A 421 0.48 7.94 -7.61
CA ALA A 421 -0.64 8.88 -7.73
C ALA A 421 -0.76 9.44 -9.17
N ASP A 422 0.39 9.78 -9.78
CA ASP A 422 0.41 10.27 -11.16
C ASP A 422 -0.24 9.28 -12.12
N HIS A 423 0.15 8.01 -12.03
CA HIS A 423 -0.48 7.00 -12.88
C HIS A 423 -2.00 6.93 -12.65
N TYR A 424 -2.42 7.00 -11.40
CA TYR A 424 -3.86 7.01 -11.10
C TYR A 424 -4.59 8.24 -11.62
N TYR A 425 -4.04 9.44 -11.35
CA TYR A 425 -4.61 10.69 -11.92
C TYR A 425 -4.68 10.64 -13.43
N LEU A 426 -3.72 9.98 -14.08
CA LEU A 426 -3.73 9.92 -15.55
C LEU A 426 -4.69 8.92 -16.18
N ILE A 427 -5.11 7.89 -15.43
CA ILE A 427 -6.02 6.87 -15.99
C ILE A 427 -7.26 7.43 -16.72
N PRO A 428 -8.10 8.26 -16.08
CA PRO A 428 -7.96 8.76 -14.69
C PRO A 428 -8.84 8.02 -13.68
N ASP A 429 -8.31 7.79 -12.49
CA ASP A 429 -9.03 7.12 -11.39
C ASP A 429 -8.71 7.89 -10.12
N ILE A 430 -9.57 8.85 -9.80
CA ILE A 430 -9.29 9.80 -8.73
C ILE A 430 -9.51 9.20 -7.35
N GLN A 431 -10.42 8.23 -7.25
CA GLN A 431 -10.57 7.42 -6.04
C GLN A 431 -9.28 6.69 -5.67
N LYS A 432 -8.70 5.98 -6.62
CA LYS A 432 -7.46 5.22 -6.37
C LYS A 432 -6.29 6.15 -6.01
N ALA A 433 -6.23 7.32 -6.63
CA ALA A 433 -5.20 8.31 -6.31
C ALA A 433 -5.30 8.78 -4.85
N ILE A 434 -6.51 9.06 -4.39
CA ILE A 434 -6.75 9.47 -3.01
C ILE A 434 -6.31 8.38 -2.05
N ILE A 435 -6.78 7.16 -2.33
CA ILE A 435 -6.47 6.00 -1.51
C ILE A 435 -4.95 5.84 -1.39
N ALA A 436 -4.24 5.99 -2.50
CA ALA A 436 -2.78 5.86 -2.52
C ALA A 436 -2.11 6.87 -1.58
N VAL A 437 -2.62 8.10 -1.55
CA VAL A 437 -2.08 9.12 -0.66
C VAL A 437 -2.40 8.77 0.79
N PHE A 438 -3.64 8.41 1.07
CA PHE A 438 -4.05 8.06 2.44
C PHE A 438 -3.39 6.80 2.97
N ASP A 439 -2.99 5.89 2.08
CA ASP A 439 -2.13 4.76 2.48
C ASP A 439 -0.82 5.28 3.05
N VAL A 440 -0.22 6.27 2.41
CA VAL A 440 1.00 6.86 2.92
C VAL A 440 0.72 7.68 4.19
N LEU A 441 -0.41 8.37 4.28
CA LEU A 441 -0.72 9.12 5.50
C LEU A 441 -0.86 8.18 6.70
N ARG A 442 -1.64 7.10 6.55
CA ARG A 442 -1.78 6.06 7.59
C ARG A 442 -0.42 5.54 8.05
N ALA A 443 0.46 5.27 7.08
CA ALA A 443 1.83 4.85 7.37
C ALA A 443 2.61 5.88 8.18
N ILE A 444 2.49 7.16 7.82
CA ILE A 444 3.19 8.22 8.56
C ILE A 444 2.68 8.27 10.00
N ASN A 445 1.37 8.16 10.19
CA ASN A 445 0.80 8.14 11.55
C ASN A 445 1.32 7.00 12.37
N ALA A 446 1.46 5.84 11.74
CA ALA A 446 2.03 4.64 12.38
C ALA A 446 3.47 4.88 12.84
N TYR A 447 4.28 5.42 11.94
CA TYR A 447 5.65 5.85 12.24
C TYR A 447 5.71 6.83 13.41
N VAL A 448 4.77 7.77 13.47
CA VAL A 448 4.73 8.77 14.54
C VAL A 448 4.34 8.11 15.88
N THR A 449 3.35 7.25 15.88
CA THR A 449 2.93 6.59 17.09
C THR A 449 4.07 5.76 17.60
N ASP A 450 4.74 5.07 16.69
CA ASP A 450 5.86 4.23 17.04
C ASP A 450 7.07 4.94 17.59
N MET A 451 7.43 6.05 16.96
CA MET A 451 8.53 6.89 17.35
C MET A 451 8.26 7.69 18.57
N ALA A 452 7.02 8.12 18.71
CA ALA A 452 6.57 8.85 19.90
C ALA A 452 7.35 10.16 20.13
N PRO A 453 7.36 11.06 19.13
CA PRO A 453 8.22 12.25 19.17
C PRO A 453 7.97 13.17 20.38
N TRP A 454 6.73 13.16 20.87
CA TRP A 454 6.39 13.84 22.13
C TRP A 454 7.31 13.41 23.30
N LYS A 455 7.66 12.13 23.42
CA LYS A 455 8.67 11.68 24.40
C LYS A 455 10.07 12.19 24.07
N LEU A 456 10.43 12.17 22.79
CA LEU A 456 11.78 12.48 22.34
C LEU A 456 12.25 13.93 22.56
N VAL A 457 11.35 14.87 22.88
CA VAL A 457 11.78 16.25 23.20
C VAL A 457 12.64 16.21 24.46
N LYS A 458 12.20 15.44 25.46
CA LYS A 458 12.92 15.27 26.71
C LYS A 458 14.16 14.38 26.50
N THR A 459 13.94 13.11 26.14
CA THR A 459 14.99 12.10 26.14
C THR A 459 16.03 12.16 25.02
N ASP A 460 15.64 12.52 23.79
CA ASP A 460 16.55 12.38 22.63
C ASP A 460 16.27 13.40 21.51
N PRO A 461 16.83 14.62 21.63
CA PRO A 461 16.62 15.63 20.59
C PRO A 461 17.25 15.32 19.25
N GLU A 462 18.46 14.74 19.25
CA GLU A 462 19.12 14.34 17.99
C GLU A 462 18.14 13.50 17.14
N ARG A 463 17.44 12.57 17.80
CA ARG A 463 16.53 11.65 17.11
C ARG A 463 15.26 12.35 16.63
N LEU A 464 14.71 13.22 17.46
CA LEU A 464 13.51 13.97 17.11
C LEU A 464 13.66 14.73 15.80
N ARG A 465 14.81 15.35 15.58
CA ARG A 465 15.08 16.06 14.33
C ARG A 465 14.76 15.18 13.13
N THR A 466 15.30 13.96 13.15
CA THR A 466 15.10 12.98 12.08
C THR A 466 13.60 12.64 11.90
N VAL A 467 12.96 12.30 13.02
CA VAL A 467 11.55 11.90 13.04
C VAL A 467 10.64 13.01 12.50
N LEU A 468 10.87 14.22 13.01
CA LEU A 468 10.06 15.38 12.68
C LEU A 468 10.21 15.80 11.23
N TYR A 469 11.46 15.82 10.74
CA TYR A 469 11.74 16.17 9.33
C TYR A 469 11.03 15.27 8.35
N ILE A 470 11.11 13.96 8.61
CA ILE A 470 10.44 12.96 7.79
C ILE A 470 8.93 13.16 7.85
N THR A 471 8.40 13.39 9.05
CA THR A 471 6.94 13.63 9.21
C THR A 471 6.51 14.80 8.33
N LEU A 472 7.18 15.94 8.54
CA LEU A 472 6.89 17.16 7.81
C LEU A 472 6.92 16.94 6.30
N GLU A 473 7.97 16.28 5.82
CA GLU A 473 8.11 16.05 4.39
C GLU A 473 7.05 15.09 3.86
N GLY A 474 6.68 14.08 4.63
CA GLY A 474 5.59 13.19 4.24
C GLY A 474 4.28 13.95 4.15
N VAL A 475 4.03 14.82 5.11
CA VAL A 475 2.84 15.67 5.11
C VAL A 475 2.82 16.63 3.92
N ARG A 476 3.99 17.18 3.56
CA ARG A 476 4.06 18.08 2.40
C ARG A 476 3.69 17.37 1.12
N VAL A 477 4.33 16.23 0.87
CA VAL A 477 4.17 15.50 -0.37
C VAL A 477 2.75 14.96 -0.48
N THR A 478 2.22 14.40 0.61
CA THR A 478 0.83 13.94 0.61
C THR A 478 -0.10 15.11 0.34
N THR A 479 0.17 16.26 0.96
CA THR A 479 -0.66 17.45 0.80
C THR A 479 -0.59 17.98 -0.63
N LEU A 480 0.61 17.97 -1.21
CA LEU A 480 0.79 18.40 -2.60
C LEU A 480 -0.08 17.58 -3.55
N LEU A 481 0.02 16.27 -3.45
CA LEU A 481 -0.76 15.37 -4.33
C LEU A 481 -2.28 15.33 -4.01
N LEU A 482 -2.65 15.74 -2.80
CA LEU A 482 -4.07 15.96 -2.44
C LEU A 482 -4.62 17.34 -2.79
N SER A 483 -3.77 18.27 -3.24
CA SER A 483 -4.21 19.65 -3.47
C SER A 483 -5.28 19.83 -4.59
N PRO A 484 -5.33 18.94 -5.60
CA PRO A 484 -6.50 18.98 -6.50
C PRO A 484 -7.83 18.55 -5.86
N ILE A 485 -7.77 17.80 -4.76
CA ILE A 485 -8.97 17.31 -4.04
C ILE A 485 -9.39 18.30 -2.93
N LEU A 486 -8.41 18.88 -2.27
CA LEU A 486 -8.62 19.76 -1.12
C LEU A 486 -7.87 21.07 -1.39
N PRO A 487 -8.31 21.82 -2.41
CA PRO A 487 -7.54 23.00 -2.85
C PRO A 487 -7.39 24.12 -1.83
N ARG A 488 -8.40 24.32 -0.98
CA ARG A 488 -8.35 25.35 0.07
C ARG A 488 -7.57 24.87 1.29
N LYS A 489 -7.90 23.68 1.77
CA LYS A 489 -7.25 23.12 2.95
C LYS A 489 -5.76 22.84 2.69
N SER A 490 -5.41 22.47 1.46
CA SER A 490 -4.00 22.31 1.09
C SER A 490 -3.22 23.61 1.30
N VAL A 491 -3.83 24.72 0.90
CA VAL A 491 -3.24 26.05 1.12
C VAL A 491 -3.06 26.34 2.61
N VAL A 492 -4.07 26.01 3.43
CA VAL A 492 -3.96 26.20 4.87
C VAL A 492 -2.84 25.33 5.45
N ILE A 493 -2.80 24.07 5.01
CA ILE A 493 -1.76 23.14 5.45
C ILE A 493 -0.38 23.68 5.10
N PHE A 494 -0.19 24.05 3.84
CA PHE A 494 1.11 24.58 3.42
C PHE A 494 1.50 25.82 4.23
N ASP A 495 0.53 26.70 4.52
CA ASP A 495 0.78 27.90 5.33
C ASP A 495 1.28 27.52 6.73
N MET A 496 0.60 26.58 7.37
CA MET A 496 1.03 26.04 8.66
C MET A 496 2.45 25.50 8.61
N LEU A 497 2.72 24.69 7.58
CA LEU A 497 4.05 24.11 7.37
C LEU A 497 5.10 25.14 6.90
N GLY A 498 4.65 26.30 6.43
CA GLY A 498 5.54 27.38 6.04
C GLY A 498 6.25 27.11 4.72
N VAL A 499 5.54 26.46 3.79
CA VAL A 499 6.10 26.06 2.52
C VAL A 499 6.03 27.26 1.58
N PRO A 500 7.18 27.70 1.01
CA PRO A 500 7.12 28.81 0.05
C PRO A 500 6.25 28.49 -1.18
N GLU A 501 5.58 29.51 -1.71
CA GLU A 501 4.67 29.35 -2.87
CA GLU A 501 4.68 29.37 -2.86
C GLU A 501 5.31 28.55 -4.00
N VAL A 502 6.56 28.85 -4.31
CA VAL A 502 7.28 28.17 -5.38
C VAL A 502 7.29 26.64 -5.25
N HIS A 503 7.34 26.15 -4.02
CA HIS A 503 7.38 24.71 -3.72
C HIS A 503 6.00 24.02 -3.67
N ARG A 504 4.93 24.77 -3.91
CA ARG A 504 3.54 24.26 -3.87
C ARG A 504 3.00 23.75 -5.21
N LYS A 505 3.78 23.86 -6.26
CA LYS A 505 3.42 23.26 -7.54
C LYS A 505 4.68 22.92 -8.29
N GLY A 506 4.53 22.15 -9.36
CA GLY A 506 5.63 21.73 -10.22
C GLY A 506 6.14 20.35 -9.87
N ILE A 507 6.40 19.55 -10.90
CA ILE A 507 6.92 18.18 -10.74
C ILE A 507 8.24 18.13 -9.98
N GLU A 508 9.01 19.21 -10.06
CA GLU A 508 10.22 19.38 -9.24
C GLU A 508 9.98 19.11 -7.77
N ASN A 509 8.86 19.60 -7.26
CA ASN A 509 8.54 19.53 -5.84
C ASN A 509 7.77 18.29 -5.41
N PHE A 510 7.53 17.38 -6.35
CA PHE A 510 7.12 16.01 -6.03
C PHE A 510 8.26 15.27 -5.31
N GLU A 511 9.52 15.64 -5.58
CA GLU A 511 10.68 14.95 -4.99
C GLU A 511 10.87 15.19 -3.49
N PHE A 512 11.28 14.12 -2.81
CA PHE A 512 11.55 14.14 -1.38
C PHE A 512 12.66 15.13 -1.11
N GLY A 513 12.51 15.90 -0.04
CA GLY A 513 13.48 16.91 0.40
C GLY A 513 13.54 18.19 -0.41
N ALA A 514 12.41 18.62 -0.95
CA ALA A 514 12.36 19.83 -1.76
C ALA A 514 12.47 21.08 -0.89
N VAL A 515 11.78 21.06 0.25
CA VAL A 515 11.85 22.13 1.22
C VAL A 515 13.08 21.91 2.10
N PRO A 516 13.98 22.90 2.15
CA PRO A 516 15.20 22.71 2.93
C PRO A 516 14.97 22.88 4.44
N PRO A 517 15.81 22.23 5.28
CA PRO A 517 15.74 22.46 6.72
C PRO A 517 16.06 23.90 7.07
N GLY A 518 15.46 24.40 8.14
CA GLY A 518 15.57 25.82 8.53
C GLY A 518 14.42 26.68 8.05
N THR A 519 13.61 26.16 7.12
CA THR A 519 12.33 26.77 6.71
C THR A 519 11.46 26.97 7.94
N ARG A 520 11.00 28.20 8.18
CA ARG A 520 10.17 28.48 9.34
C ARG A 520 8.72 28.15 9.04
N LEU A 521 8.00 27.73 10.08
CA LEU A 521 6.59 27.41 9.98
C LEU A 521 5.78 28.69 9.90
N GLY A 522 4.50 28.57 9.56
CA GLY A 522 3.56 29.68 9.63
C GLY A 522 3.17 29.91 11.08
N PRO A 523 2.66 31.09 11.33
CA PRO A 523 2.20 31.44 12.65
C PRO A 523 0.99 30.63 12.89
N ALA A 524 0.73 30.40 14.16
CA ALA A 524 -0.38 29.62 14.62
C ALA A 524 -1.53 30.49 15.09
N VAL A 525 -2.70 29.88 15.15
CA VAL A 525 -3.90 30.53 15.64
C VAL A 525 -4.24 29.73 16.91
N GLU A 526 -4.45 30.43 18.02
CA GLU A 526 -4.76 29.74 19.26
C GLU A 526 -6.23 29.41 19.26
N GLY A 527 -6.59 28.44 18.43
CA GLY A 527 -7.95 28.02 18.28
C GLY A 527 -8.20 27.51 16.89
N GLU A 528 -7.12 27.31 16.15
CA GLU A 528 -7.21 26.81 14.80
C GLU A 528 -7.43 25.31 14.72
N VAL A 529 -8.38 24.90 13.90
CA VAL A 529 -8.61 23.49 13.70
C VAL A 529 -8.65 23.38 12.20
N LEU A 530 -8.05 22.33 11.66
CA LEU A 530 -8.01 22.11 10.22
C LEU A 530 -9.31 21.48 9.72
N PHE A 531 -9.68 20.37 10.34
CA PHE A 531 -11.00 19.75 10.14
C PHE A 531 -11.55 19.48 11.53
N SER A 532 -12.74 19.99 11.82
CA SER A 532 -13.39 19.75 13.10
C SER A 532 -14.27 18.52 12.99
N LYS A 533 -14.11 17.60 13.95
CA LYS A 533 -14.91 16.37 14.00
C LYS A 533 -16.37 16.72 14.29
N ARG A 534 -17.31 15.89 13.82
CA ARG A 534 -18.75 16.10 14.08
CA ARG A 534 -18.75 16.10 14.08
C ARG A 534 -19.41 14.87 14.69
N SER A 535 -20.50 15.10 15.42
CA SER A 535 -21.12 14.06 16.26
C SER A 535 -21.83 12.93 15.51
N THR A 536 -21.74 11.70 16.05
CA THR A 536 -22.41 10.51 15.47
C THR A 536 -23.93 10.52 15.77
N GLU A 537 -24.62 11.44 15.08
CA GLU A 537 -26.09 11.67 15.10
C GLU A 537 -26.92 10.79 16.03
N GLY B 1 11.24 2.60 -6.23
CA GLY B 1 12.72 2.73 -6.39
C GLY B 1 13.48 1.53 -5.84
N PRO B 2 14.82 1.56 -5.98
CA PRO B 2 15.67 0.43 -5.56
C PRO B 2 15.77 0.24 -4.04
N GLY B 3 15.75 -1.01 -3.60
CA GLY B 3 16.03 -1.36 -2.21
C GLY B 3 17.52 -1.33 -1.91
N SER B 4 17.91 -1.88 -0.76
CA SER B 4 19.30 -1.86 -0.35
C SER B 4 20.13 -2.85 -1.17
N MET B 5 21.42 -2.56 -1.30
CA MET B 5 22.33 -3.45 -2.03
C MET B 5 22.78 -4.57 -1.12
N LYS B 6 23.44 -5.55 -1.72
CA LYS B 6 23.91 -6.72 -0.97
C LYS B 6 24.97 -6.34 0.08
N VAL B 7 25.03 -7.08 1.18
CA VAL B 7 26.17 -7.01 2.10
C VAL B 7 27.38 -7.71 1.48
N GLU B 8 28.58 -7.20 1.80
CA GLU B 8 29.84 -7.87 1.41
C GLU B 8 30.23 -9.01 2.35
N LYS B 9 29.87 -8.91 3.63
CA LYS B 9 30.21 -9.94 4.62
C LYS B 9 29.27 -11.14 4.41
N VAL B 10 29.37 -12.15 5.28
CA VAL B 10 28.35 -13.19 5.35
C VAL B 10 27.25 -12.65 6.25
N PHE B 11 26.01 -12.70 5.76
CA PHE B 11 24.89 -12.22 6.55
C PHE B 11 24.64 -13.21 7.66
N PHE B 12 24.85 -12.74 8.89
CA PHE B 12 24.82 -13.60 10.06
C PHE B 12 23.55 -13.33 10.89
N VAL B 13 22.64 -14.31 10.90
CA VAL B 13 21.39 -14.22 11.63
C VAL B 13 21.30 -15.39 12.61
N THR B 14 20.77 -15.13 13.81
CA THR B 14 20.76 -16.09 14.90
C THR B 14 19.41 -16.15 15.58
N SER B 15 19.06 -17.34 16.06
CA SER B 15 18.01 -17.51 17.04
C SER B 15 18.67 -17.52 18.40
N PRO B 16 17.89 -17.53 19.50
CA PRO B 16 18.50 -17.80 20.80
C PRO B 16 18.76 -19.30 20.90
N ILE B 17 19.70 -19.72 21.74
CA ILE B 17 19.90 -21.14 22.02
C ILE B 17 19.03 -21.51 23.19
N TYR B 18 18.24 -22.59 23.05
CA TYR B 18 17.14 -22.88 23.98
C TYR B 18 17.54 -23.88 25.07
N TYR B 19 17.00 -23.68 26.26
CA TYR B 19 17.31 -24.53 27.42
C TYR B 19 16.74 -25.95 27.18
N VAL B 20 17.53 -26.99 27.50
CA VAL B 20 17.16 -28.39 27.20
C VAL B 20 16.48 -29.10 28.38
N ASN B 21 15.94 -28.31 29.31
CA ASN B 21 15.13 -28.78 30.42
C ASN B 21 13.64 -28.76 30.06
N ALA B 22 13.33 -28.74 28.77
CA ALA B 22 11.95 -28.70 28.29
C ALA B 22 11.95 -29.21 26.83
N ALA B 23 10.88 -29.90 26.40
CA ALA B 23 10.75 -30.33 25.01
C ALA B 23 10.48 -29.09 24.15
N PRO B 24 10.80 -29.17 22.85
CA PRO B 24 10.46 -28.12 21.88
C PRO B 24 8.97 -27.80 21.87
N HIS B 25 8.63 -26.51 21.85
CA HIS B 25 7.26 -26.00 21.79
C HIS B 25 7.22 -24.76 20.87
N ILE B 26 6.05 -24.12 20.75
CA ILE B 26 5.85 -23.03 19.79
C ILE B 26 6.83 -21.84 19.96
N GLY B 27 7.05 -21.42 21.20
CA GLY B 27 8.08 -20.44 21.55
C GLY B 27 9.39 -20.55 20.78
N HIS B 28 9.96 -21.76 20.74
CA HIS B 28 11.22 -22.01 20.05
C HIS B 28 11.01 -22.05 18.53
N VAL B 29 9.96 -22.74 18.12
CA VAL B 29 9.59 -22.86 16.71
C VAL B 29 9.39 -21.50 16.06
N TYR B 30 8.76 -20.59 16.81
CA TYR B 30 8.53 -19.22 16.35
C TYR B 30 9.84 -18.45 16.19
N SER B 31 10.65 -18.44 17.24
CA SER B 31 11.96 -17.75 17.24
C SER B 31 12.83 -18.18 16.07
N THR B 32 12.93 -19.50 15.90
CA THR B 32 13.72 -20.11 14.84
C THR B 32 13.09 -19.92 13.45
N LEU B 33 11.75 -19.87 13.36
CA LEU B 33 11.06 -19.47 12.11
C LEU B 33 11.46 -18.07 11.62
N ILE B 34 11.43 -17.10 12.52
CA ILE B 34 11.86 -15.74 12.22
C ILE B 34 13.32 -15.73 11.78
N THR B 35 14.17 -16.46 12.49
CA THR B 35 15.57 -16.57 12.12
C THR B 35 15.68 -17.11 10.71
N ASP B 36 14.97 -18.20 10.44
CA ASP B 36 15.01 -18.91 9.16
C ASP B 36 14.55 -18.04 8.00
N VAL B 37 13.49 -17.26 8.21
CA VAL B 37 12.93 -16.39 7.18
C VAL B 37 13.95 -15.31 6.81
N ILE B 38 14.48 -14.64 7.82
CA ILE B 38 15.47 -13.57 7.60
C ILE B 38 16.61 -14.18 6.78
N GLY B 39 17.08 -15.36 7.21
CA GLY B 39 18.12 -16.07 6.49
C GLY B 39 17.79 -16.32 5.03
N ARG B 40 16.66 -16.98 4.81
CA ARG B 40 16.18 -17.25 3.46
C ARG B 40 16.07 -15.97 2.63
N TYR B 41 15.54 -14.89 3.19
CA TYR B 41 15.42 -13.65 2.43
C TYR B 41 16.77 -13.23 1.86
N HIS B 42 17.79 -13.19 2.71
CA HIS B 42 19.10 -12.76 2.24
C HIS B 42 19.77 -13.74 1.26
N ARG B 43 19.41 -15.03 1.34
CA ARG B 43 19.82 -15.99 0.33
C ARG B 43 19.16 -15.73 -1.02
N VAL B 44 17.86 -15.44 -0.98
CA VAL B 44 17.09 -15.07 -2.17
C VAL B 44 17.67 -13.78 -2.79
N LYS B 45 18.05 -12.83 -1.93
CA LYS B 45 18.70 -11.61 -2.39
C LYS B 45 20.05 -11.89 -3.07
N GLY B 46 20.62 -13.06 -2.78
CA GLY B 46 21.84 -13.55 -3.43
C GLY B 46 23.07 -13.30 -2.60
N GLU B 47 22.87 -13.04 -1.31
CA GLU B 47 23.96 -12.86 -0.38
C GLU B 47 24.36 -14.20 0.19
N ARG B 48 25.53 -14.19 0.82
CA ARG B 48 26.00 -15.29 1.64
C ARG B 48 25.36 -15.20 3.01
N VAL B 49 24.92 -16.35 3.50
CA VAL B 49 24.17 -16.41 4.75
C VAL B 49 24.69 -17.50 5.67
N PHE B 50 24.79 -17.16 6.94
CA PHE B 50 24.98 -18.13 8.00
C PHE B 50 23.88 -17.95 9.06
N ALA B 51 22.97 -18.91 9.13
CA ALA B 51 21.90 -18.92 10.11
C ALA B 51 22.27 -19.87 11.23
N LEU B 52 22.12 -19.42 12.46
CA LEU B 52 22.53 -20.20 13.63
C LEU B 52 21.34 -20.39 14.58
N THR B 53 21.19 -21.62 15.07
CA THR B 53 20.26 -21.94 16.15
C THR B 53 20.94 -22.99 17.03
N GLY B 54 20.29 -23.38 18.12
CA GLY B 54 20.86 -24.43 18.97
C GLY B 54 20.32 -24.53 20.38
N THR B 55 21.06 -25.28 21.20
CA THR B 55 20.64 -25.61 22.56
C THR B 55 21.63 -25.16 23.62
N ASP B 56 21.08 -24.93 24.80
CA ASP B 56 21.76 -24.33 25.92
C ASP B 56 21.70 -25.36 27.06
N GLU B 57 22.79 -26.10 27.23
CA GLU B 57 22.77 -27.44 27.88
C GLU B 57 23.34 -27.55 29.30
N HIS B 58 24.16 -26.59 29.70
CA HIS B 58 24.66 -26.55 31.07
C HIS B 58 23.63 -25.97 32.01
N GLY B 59 23.83 -26.22 33.30
CA GLY B 59 23.01 -25.61 34.35
C GLY B 59 22.59 -26.55 35.46
N GLN B 60 22.28 -25.95 36.60
CA GLN B 60 21.69 -26.63 37.74
C GLN B 60 20.35 -27.27 37.37
N LYS B 61 19.51 -26.47 36.70
CA LYS B 61 18.16 -26.91 36.31
C LYS B 61 18.21 -28.12 35.35
N VAL B 62 19.19 -28.16 34.43
CA VAL B 62 19.30 -29.27 33.47
C VAL B 62 19.76 -30.53 34.17
N ALA B 63 20.82 -30.44 34.96
CA ALA B 63 21.36 -31.58 35.73
C ALA B 63 20.34 -32.21 36.68
N GLU B 64 19.57 -31.36 37.36
CA GLU B 64 18.52 -31.82 38.28
C GLU B 64 17.36 -32.52 37.55
N ALA B 65 17.13 -32.16 36.28
CA ALA B 65 16.15 -32.84 35.41
C ALA B 65 16.69 -34.13 34.83
N ALA B 66 17.98 -34.16 34.58
CA ALA B 66 18.61 -35.36 34.08
C ALA B 66 18.59 -36.43 35.13
N LYS B 67 18.87 -36.07 36.37
CA LYS B 67 18.86 -37.04 37.44
C LYS B 67 17.48 -37.55 37.61
N GLN B 68 16.49 -36.68 37.60
CA GLN B 68 15.12 -37.23 37.69
C GLN B 68 14.89 -38.44 36.79
N LYS B 69 15.32 -38.34 35.54
CA LYS B 69 15.18 -39.45 34.57
C LYS B 69 16.19 -40.58 34.83
N GLN B 70 17.14 -40.35 35.75
CA GLN B 70 18.16 -41.32 36.15
C GLN B 70 19.07 -41.68 34.99
N VAL B 71 19.54 -40.65 34.29
CA VAL B 71 20.53 -40.78 33.23
C VAL B 71 21.56 -39.68 33.40
N SER B 72 22.72 -39.88 32.79
CA SER B 72 23.82 -38.90 32.93
C SER B 72 23.44 -37.60 32.22
N PRO B 73 23.94 -36.45 32.70
CA PRO B 73 23.73 -35.19 32.00
C PRO B 73 24.11 -35.22 30.50
N TYR B 74 25.17 -35.93 30.13
CA TYR B 74 25.55 -35.99 28.72
C TYR B 74 24.51 -36.73 27.87
N ASP B 75 23.94 -37.79 28.40
CA ASP B 75 22.88 -38.54 27.70
C ASP B 75 21.59 -37.74 27.58
N PHE B 76 21.20 -37.11 28.69
CA PHE B 76 19.96 -36.33 28.75
C PHE B 76 19.98 -35.12 27.82
N THR B 77 21.09 -34.39 27.82
CA THR B 77 21.21 -33.24 26.92
C THR B 77 21.30 -33.68 25.47
N THR B 78 22.06 -34.74 25.19
CA THR B 78 22.18 -35.28 23.82
C THR B 78 20.81 -35.67 23.27
N ALA B 79 20.01 -36.33 24.10
CA ALA B 79 18.66 -36.73 23.73
C ALA B 79 17.77 -35.52 23.43
N VAL B 80 17.69 -34.56 24.35
CA VAL B 80 16.78 -33.42 24.19
C VAL B 80 17.24 -32.56 23.03
N ALA B 81 18.55 -32.38 22.93
CA ALA B 81 19.12 -31.75 21.74
C ALA B 81 18.60 -32.42 20.45
N GLY B 82 18.56 -33.74 20.46
CA GLY B 82 17.98 -34.51 19.37
C GLY B 82 16.53 -34.18 19.08
N GLU B 83 15.72 -34.09 20.14
CA GLU B 83 14.32 -33.69 20.00
C GLU B 83 14.19 -32.32 19.34
N PHE B 84 15.07 -31.37 19.71
CA PHE B 84 15.12 -30.03 19.09
C PHE B 84 15.49 -30.09 17.62
N LYS B 85 16.54 -30.85 17.30
CA LYS B 85 16.99 -31.02 15.91
C LYS B 85 15.90 -31.61 15.01
N LYS B 86 15.19 -32.61 15.52
CA LYS B 86 14.12 -33.28 14.77
C LYS B 86 12.95 -32.34 14.52
N CYS B 87 12.55 -31.56 15.54
CA CYS B 87 11.46 -30.57 15.39
C CYS B 87 11.78 -29.58 14.29
N PHE B 88 13.01 -29.07 14.29
CA PHE B 88 13.42 -28.10 13.27
C PHE B 88 13.51 -28.69 11.86
N GLU B 89 13.86 -29.97 11.75
CA GLU B 89 13.80 -30.68 10.47
C GLU B 89 12.36 -30.87 10.00
N GLN B 90 11.44 -31.15 10.94
CA GLN B 90 10.03 -31.39 10.59
C GLN B 90 9.34 -30.10 10.17
N MET B 91 9.71 -29.00 10.81
CA MET B 91 9.26 -27.66 10.40
C MET B 91 9.84 -27.16 9.09
N ASP B 92 10.89 -27.81 8.58
CA ASP B 92 11.42 -27.56 7.24
C ASP B 92 12.14 -26.20 7.17
N TYR B 93 12.99 -25.94 8.17
CA TYR B 93 13.88 -24.79 8.17
C TYR B 93 15.12 -25.09 7.34
N SER B 94 15.91 -24.06 7.13
CA SER B 94 17.16 -24.17 6.40
C SER B 94 18.22 -23.47 7.24
N ILE B 95 18.38 -23.93 8.47
CA ILE B 95 19.38 -23.36 9.38
C ILE B 95 20.71 -24.01 9.04
N ASP B 96 21.76 -23.19 9.01
CA ASP B 96 23.06 -23.63 8.53
C ASP B 96 23.81 -24.44 9.56
N TYR B 97 23.64 -24.13 10.86
CA TYR B 97 24.31 -24.90 11.91
C TYR B 97 23.53 -24.93 13.20
N PHE B 98 23.57 -26.08 13.86
CA PHE B 98 22.94 -26.28 15.16
C PHE B 98 24.04 -26.41 16.22
N ILE B 99 24.17 -25.38 17.06
CA ILE B 99 25.24 -25.31 18.06
C ILE B 99 24.77 -25.85 19.41
N ARG B 100 25.69 -26.47 20.14
CA ARG B 100 25.42 -27.00 21.46
C ARG B 100 26.52 -26.52 22.38
N THR B 101 26.14 -26.07 23.58
CA THR B 101 27.09 -25.51 24.53
C THR B 101 28.00 -26.58 25.20
N THR B 102 27.58 -27.85 25.14
CA THR B 102 28.44 -28.97 25.52
C THR B 102 29.64 -29.19 24.59
N ASN B 103 29.48 -28.74 23.34
CA ASN B 103 30.53 -28.82 22.34
C ASN B 103 31.86 -28.29 22.86
N GLU B 104 32.94 -28.97 22.49
CA GLU B 104 34.27 -28.66 23.02
C GLU B 104 34.86 -27.38 22.42
N GLN B 105 34.55 -27.11 21.15
CA GLN B 105 34.96 -25.86 20.51
C GLN B 105 34.33 -24.68 21.24
N HIS B 106 33.05 -24.82 21.58
CA HIS B 106 32.35 -23.76 22.27
C HIS B 106 33.06 -23.42 23.58
N LYS B 107 33.38 -24.46 24.36
CA LYS B 107 34.04 -24.29 25.65
C LYS B 107 35.36 -23.54 25.52
N ALA B 108 36.12 -23.85 24.46
CA ALA B 108 37.37 -23.14 24.15
C ALA B 108 37.17 -21.65 23.96
N VAL B 109 36.11 -21.30 23.24
CA VAL B 109 35.78 -19.91 22.96
C VAL B 109 35.36 -19.21 24.26
N VAL B 110 34.56 -19.89 25.10
CA VAL B 110 34.16 -19.32 26.40
C VAL B 110 35.39 -19.05 27.26
N LYS B 111 36.33 -20.00 27.31
CA LYS B 111 37.60 -19.80 28.03
C LYS B 111 38.37 -18.61 27.45
N GLU B 112 38.50 -18.55 26.13
CA GLU B 112 39.17 -17.41 25.45
C GLU B 112 38.57 -16.09 25.87
N LEU B 113 37.24 -16.00 25.76
CA LEU B 113 36.52 -14.77 26.08
C LEU B 113 36.62 -14.41 27.56
N TRP B 114 36.41 -15.40 28.44
CA TRP B 114 36.57 -15.21 29.89
C TRP B 114 37.94 -14.59 30.21
N THR B 115 38.99 -15.18 29.65
CA THR B 115 40.35 -14.77 29.93
C THR B 115 40.60 -13.36 29.45
N LYS B 116 40.07 -13.03 28.27
CA LYS B 116 40.20 -11.67 27.72
C LYS B 116 39.57 -10.63 28.64
N LEU B 117 38.41 -10.95 29.20
CA LEU B 117 37.75 -10.07 30.15
C LEU B 117 38.51 -9.95 31.46
N GLU B 118 39.10 -11.04 31.93
CA GLU B 118 39.88 -11.07 33.17
CA GLU B 118 39.87 -11.02 33.18
C GLU B 118 41.11 -10.17 32.99
N GLN B 119 41.85 -10.38 31.90
CA GLN B 119 43.02 -9.56 31.56
C GLN B 119 42.72 -8.06 31.46
N LYS B 120 41.55 -7.69 30.94
CA LYS B 120 41.16 -6.28 30.87
C LYS B 120 40.88 -5.64 32.24
N GLY B 121 40.87 -6.43 33.31
CA GLY B 121 40.50 -5.95 34.65
C GLY B 121 39.00 -5.81 34.85
N ASP B 122 38.20 -6.40 33.96
CA ASP B 122 36.74 -6.27 33.99
C ASP B 122 36.07 -7.43 34.73
N ILE B 123 36.81 -8.51 34.98
CA ILE B 123 36.35 -9.54 35.90
C ILE B 123 37.31 -9.57 37.03
N TYR B 124 36.73 -9.62 38.23
CA TYR B 124 37.54 -9.66 39.42
C TYR B 124 37.01 -10.69 40.37
N LEU B 125 37.90 -11.27 41.17
CA LEU B 125 37.50 -12.22 42.18
C LEU B 125 37.14 -11.47 43.45
N GLY B 126 35.94 -11.73 43.96
CA GLY B 126 35.46 -11.10 45.17
C GLY B 126 34.91 -12.11 46.14
N ARG B 127 34.96 -11.80 47.43
CA ARG B 127 34.31 -12.59 48.46
C ARG B 127 32.98 -11.91 48.74
N TYR B 128 31.88 -12.62 48.49
CA TYR B 128 30.54 -12.11 48.74
C TYR B 128 30.07 -12.75 50.01
N GLU B 129 29.59 -11.92 50.94
CA GLU B 129 29.23 -12.33 52.29
C GLU B 129 27.80 -11.82 52.57
N GLY B 130 26.81 -12.66 52.29
CA GLY B 130 25.40 -12.23 52.35
C GLY B 130 24.43 -13.37 52.18
N TRP B 131 23.17 -13.03 51.89
CA TRP B 131 22.09 -14.01 51.72
C TRP B 131 22.01 -14.49 50.28
N TYR B 132 21.50 -15.71 50.11
CA TYR B 132 21.41 -16.36 48.80
C TYR B 132 20.25 -17.34 48.78
N SER B 133 19.41 -17.29 47.74
CA SER B 133 18.36 -18.30 47.52
C SER B 133 18.88 -19.34 46.55
N ILE B 134 19.03 -20.58 47.03
CA ILE B 134 19.58 -21.67 46.22
C ILE B 134 18.62 -22.01 45.05
N SER B 135 17.33 -22.04 45.31
CA SER B 135 16.43 -22.36 44.24
C SER B 135 16.43 -21.35 43.11
N ASP B 136 16.46 -20.08 43.46
CA ASP B 136 16.44 -19.00 42.51
C ASP B 136 17.82 -18.69 41.98
N GLU B 137 18.81 -19.21 42.66
CA GLU B 137 20.24 -18.99 42.36
C GLU B 137 20.59 -17.49 42.34
N SER B 138 20.01 -16.76 43.30
CA SER B 138 19.96 -15.30 43.29
C SER B 138 20.62 -14.77 44.56
N PHE B 139 21.43 -13.72 44.41
CA PHE B 139 21.99 -12.98 45.54
C PHE B 139 20.96 -11.96 46.02
N LEU B 140 20.71 -11.93 47.33
CA LEU B 140 19.69 -11.04 47.90
C LEU B 140 20.30 -10.16 49.00
N THR B 141 19.85 -8.91 49.06
CA THR B 141 20.18 -7.98 50.16
C THR B 141 19.22 -8.26 51.34
N PRO B 142 19.56 -7.75 52.55
CA PRO B 142 18.69 -8.04 53.71
C PRO B 142 17.26 -7.45 53.65
N GLN B 143 17.04 -6.44 52.81
CA GLN B 143 15.71 -5.86 52.63
C GLN B 143 14.76 -6.81 51.84
N ASN B 144 15.33 -7.70 51.02
CA ASN B 144 14.56 -8.69 50.23
C ASN B 144 14.23 -10.01 50.96
N ILE B 145 14.31 -10.04 52.29
CA ILE B 145 14.08 -11.25 53.07
C ILE B 145 13.19 -10.96 54.28
N THR B 146 12.45 -11.99 54.73
CA THR B 146 11.68 -11.94 55.99
C THR B 146 11.57 -13.39 56.51
N ASP B 147 10.78 -13.58 57.57
CA ASP B 147 10.63 -14.89 58.22
C ASP B 147 9.60 -15.78 57.54
N GLY B 148 9.72 -17.08 57.75
CA GLY B 148 8.82 -18.06 57.14
C GLY B 148 9.06 -19.49 57.60
N VAL B 149 8.60 -20.43 56.77
CA VAL B 149 8.66 -21.87 57.07
C VAL B 149 9.29 -22.63 55.89
N ASP B 150 9.82 -23.81 56.16
CA ASP B 150 10.35 -24.73 55.13
C ASP B 150 9.48 -26.00 55.05
N CYS B 156 12.74 -20.41 59.88
CA CYS B 156 13.80 -20.05 58.95
C CYS B 156 13.50 -18.71 58.29
N LYS B 157 14.40 -18.27 57.41
CA LYS B 157 14.22 -17.05 56.61
C LYS B 157 13.95 -17.43 55.16
N VAL B 158 13.18 -16.60 54.46
CA VAL B 158 12.83 -16.83 53.05
C VAL B 158 12.91 -15.56 52.20
N SER B 159 13.04 -15.76 50.88
CA SER B 159 13.09 -14.68 49.90
C SER B 159 11.72 -13.99 49.80
N LEU B 160 11.70 -12.66 49.81
CA LEU B 160 10.46 -11.88 49.56
C LEU B 160 9.98 -12.04 48.12
N GLU B 161 10.91 -12.18 47.17
CA GLU B 161 10.50 -12.39 45.80
C GLU B 161 9.82 -13.73 45.56
N SER B 162 10.47 -14.84 45.90
CA SER B 162 9.96 -16.19 45.57
C SER B 162 9.34 -16.95 46.74
N GLY B 163 9.83 -16.74 47.96
CA GLY B 163 9.37 -17.46 49.15
C GLY B 163 10.14 -18.73 49.47
N HIS B 164 11.11 -19.09 48.62
CA HIS B 164 11.98 -20.25 48.87
C HIS B 164 12.96 -19.92 49.99
N VAL B 165 13.58 -20.97 50.54
CA VAL B 165 14.48 -20.81 51.68
C VAL B 165 15.75 -20.09 51.27
N VAL B 166 16.23 -19.21 52.15
CA VAL B 166 17.52 -18.54 51.96
C VAL B 166 18.53 -19.04 52.97
N THR B 167 19.80 -18.91 52.62
CA THR B 167 20.90 -19.34 53.46
C THR B 167 21.94 -18.22 53.42
N TRP B 168 22.67 -18.07 54.52
CA TRP B 168 23.80 -17.14 54.57
C TRP B 168 24.99 -17.85 53.92
N VAL B 169 25.73 -17.12 53.08
CA VAL B 169 26.94 -17.66 52.43
C VAL B 169 28.11 -16.67 52.50
N SER B 170 29.31 -17.23 52.51
CA SER B 170 30.56 -16.50 52.38
C SER B 170 31.39 -17.22 51.32
N GLU B 171 31.09 -16.93 50.05
CA GLU B 171 31.69 -17.60 48.88
C GLU B 171 32.55 -16.62 48.12
N GLU B 172 33.63 -17.11 47.52
CA GLU B 172 34.38 -16.34 46.50
C GLU B 172 33.58 -16.40 45.21
N ASN B 173 33.12 -15.25 44.72
CA ASN B 173 32.47 -15.18 43.42
C ASN B 173 33.22 -14.27 42.45
N TYR B 174 33.20 -14.65 41.15
CA TYR B 174 33.71 -13.79 40.07
C TYR B 174 32.62 -12.83 39.52
N MET B 175 32.90 -11.52 39.60
CA MET B 175 31.96 -10.46 39.20
C MET B 175 32.47 -9.74 37.96
N PHE B 176 31.55 -9.49 37.01
CA PHE B 176 31.82 -8.63 35.85
C PHE B 176 31.44 -7.16 36.16
N ARG B 177 32.35 -6.23 35.83
CA ARG B 177 32.19 -4.79 36.13
C ARG B 177 31.21 -4.08 35.15
N LEU B 178 29.95 -4.53 35.15
CA LEU B 178 28.95 -4.02 34.22
C LEU B 178 28.68 -2.54 34.47
N SER B 179 28.71 -2.12 35.73
CA SER B 179 28.56 -0.70 36.10
C SER B 179 29.48 0.24 35.32
N ALA B 180 30.68 -0.23 34.99
CA ALA B 180 31.65 0.57 34.22
C ALA B 180 31.32 0.76 32.73
N PHE B 181 30.30 0.04 32.22
CA PHE B 181 29.90 0.09 30.80
C PHE B 181 28.59 0.85 30.54
N ARG B 182 28.06 1.51 31.56
CA ARG B 182 26.80 2.27 31.46
C ARG B 182 26.89 3.39 30.42
N GLU B 183 27.91 4.21 30.54
CA GLU B 183 28.11 5.29 29.58
C GLU B 183 28.28 4.78 28.14
N ARG B 184 29.26 3.90 27.91
CA ARG B 184 29.52 3.34 26.57
C ARG B 184 28.30 2.65 25.95
N LEU B 185 27.47 2.00 26.77
CA LEU B 185 26.22 1.38 26.28
C LEU B 185 25.23 2.41 25.81
N LEU B 186 25.04 3.46 26.61
CA LEU B 186 24.15 4.54 26.22
C LEU B 186 24.56 5.21 24.91
N GLU B 187 25.89 5.41 24.73
CA GLU B 187 26.44 5.91 23.46
C GLU B 187 26.06 5.02 22.31
N TRP B 188 26.21 3.72 22.49
CA TRP B 188 25.87 2.75 21.45
C TRP B 188 24.40 2.86 21.03
N TYR B 189 23.49 2.94 22.00
CA TYR B 189 22.05 2.99 21.71
C TYR B 189 21.72 4.28 20.94
N HIS B 190 22.16 5.42 21.48
CA HIS B 190 21.90 6.76 20.90
CA HIS B 190 21.86 6.73 20.91
C HIS B 190 22.56 6.91 19.53
N ALA B 191 23.73 6.29 19.35
CA ALA B 191 24.43 6.33 18.06
C ALA B 191 23.84 5.41 16.98
N ASN B 192 23.17 4.33 17.38
CA ASN B 192 22.61 3.36 16.44
C ASN B 192 21.13 3.14 16.74
N PRO B 193 20.27 4.13 16.39
CA PRO B 193 18.87 4.08 16.82
C PRO B 193 17.98 2.97 16.20
N GLY B 194 18.50 2.25 15.20
CA GLY B 194 17.84 1.05 14.69
C GLY B 194 18.29 -0.26 15.31
N CYS B 195 19.21 -0.22 16.27
CA CYS B 195 19.87 -1.43 16.78
C CYS B 195 19.03 -2.31 17.70
N ILE B 196 17.93 -1.78 18.23
CA ILE B 196 16.98 -2.58 19.00
C ILE B 196 15.59 -2.35 18.42
N VAL B 197 14.90 -3.44 18.07
CA VAL B 197 13.62 -3.39 17.39
C VAL B 197 12.65 -4.30 18.14
N PRO B 198 11.39 -3.91 18.31
CA PRO B 198 10.81 -2.63 17.88
C PRO B 198 11.17 -1.48 18.80
N GLU B 199 10.85 -0.26 18.38
CA GLU B 199 11.33 0.96 19.07
C GLU B 199 10.92 1.02 20.53
N PHE B 200 9.70 0.62 20.87
CA PHE B 200 9.29 0.70 22.28
C PHE B 200 10.16 -0.20 23.21
N ARG B 201 10.71 -1.29 22.67
CA ARG B 201 11.67 -2.12 23.41
C ARG B 201 13.05 -1.46 23.49
N ARG B 202 13.43 -0.71 22.46
CA ARG B 202 14.65 0.10 22.51
C ARG B 202 14.57 1.13 23.63
N ARG B 203 13.45 1.85 23.70
CA ARG B 203 13.19 2.82 24.76
C ARG B 203 13.20 2.17 26.16
N GLU B 204 12.65 0.95 26.28
CA GLU B 204 12.74 0.17 27.53
C GLU B 204 14.18 -0.06 28.01
N VAL B 205 15.03 -0.55 27.11
CA VAL B 205 16.43 -0.87 27.44
C VAL B 205 17.16 0.38 27.84
N ILE B 206 16.92 1.48 27.14
CA ILE B 206 17.62 2.73 27.41
C ILE B 206 17.25 3.30 28.79
N ARG B 207 15.96 3.33 29.11
CA ARG B 207 15.54 3.79 30.44
C ARG B 207 16.26 2.98 31.52
N ALA B 208 16.29 1.67 31.35
CA ALA B 208 16.90 0.75 32.33
C ALA B 208 18.37 1.03 32.59
N VAL B 209 19.14 1.27 31.52
CA VAL B 209 20.58 1.54 31.66
C VAL B 209 20.80 2.93 32.26
N GLU B 210 19.92 3.87 31.94
CA GLU B 210 19.98 5.21 32.53
C GLU B 210 19.73 5.18 34.04
N LYS B 211 18.86 4.29 34.53
CA LYS B 211 18.67 4.14 35.99
C LYS B 211 19.97 3.78 36.76
N GLY B 212 20.82 2.96 36.14
CA GLY B 212 22.11 2.58 36.72
C GLY B 212 22.30 1.09 36.55
N LEU B 213 23.55 0.64 36.50
CA LEU B 213 23.87 -0.78 36.33
C LEU B 213 24.69 -1.36 37.50
N PRO B 214 24.20 -2.47 38.11
CA PRO B 214 25.02 -3.16 39.10
C PRO B 214 26.03 -4.04 38.38
N ASP B 215 27.10 -4.41 39.06
CA ASP B 215 28.02 -5.39 38.51
C ASP B 215 27.32 -6.76 38.42
N LEU B 216 27.75 -7.58 37.47
CA LEU B 216 27.07 -8.83 37.17
C LEU B 216 27.91 -10.02 37.63
N SER B 217 27.31 -10.88 38.44
CA SER B 217 27.92 -12.14 38.84
C SER B 217 28.00 -13.09 37.64
N VAL B 218 29.21 -13.54 37.32
CA VAL B 218 29.41 -14.42 36.15
C VAL B 218 29.94 -15.82 36.49
N SER B 219 30.09 -16.16 37.77
CA SER B 219 30.45 -17.54 38.18
C SER B 219 29.59 -18.05 39.30
N ARG B 220 29.50 -19.37 39.44
CA ARG B 220 28.96 -20.01 40.63
C ARG B 220 29.92 -21.06 41.17
N ALA B 221 29.79 -21.37 42.46
CA ALA B 221 30.52 -22.48 43.07
C ALA B 221 30.06 -23.82 42.46
N ARG B 222 31.02 -24.67 42.06
CA ARG B 222 30.75 -25.87 41.25
C ARG B 222 29.76 -26.84 41.91
N ALA B 223 29.78 -26.93 43.23
CA ALA B 223 28.85 -27.78 43.97
C ALA B 223 27.38 -27.42 43.67
N THR B 224 27.06 -26.11 43.65
CA THR B 224 25.67 -25.64 43.39
C THR B 224 25.16 -26.06 42.01
N LEU B 225 26.05 -26.12 41.01
CA LEU B 225 25.70 -26.54 39.65
C LEU B 225 25.75 -28.05 39.35
N HIS B 226 25.99 -28.87 40.37
CA HIS B 226 26.20 -30.31 40.21
C HIS B 226 27.28 -30.60 39.18
N ASN B 227 28.28 -29.72 39.15
CA ASN B 227 29.39 -29.77 38.22
C ASN B 227 29.04 -29.81 36.72
N TRP B 228 27.81 -29.47 36.36
CA TRP B 228 27.37 -29.56 34.97
C TRP B 228 27.45 -28.17 34.33
N ALA B 229 28.68 -27.78 34.04
CA ALA B 229 28.99 -26.42 33.59
C ALA B 229 30.45 -26.36 33.12
N ILE B 230 30.86 -25.19 32.63
CA ILE B 230 32.23 -24.96 32.18
C ILE B 230 33.04 -24.48 33.37
N PRO B 231 34.22 -25.09 33.62
CA PRO B 231 35.10 -24.55 34.66
C PRO B 231 35.68 -23.18 34.35
N VAL B 232 35.78 -22.33 35.37
CA VAL B 232 36.46 -21.06 35.23
C VAL B 232 37.95 -21.32 34.94
N PRO B 233 38.52 -20.73 33.87
CA PRO B 233 39.95 -20.80 33.60
C PRO B 233 40.84 -20.45 34.80
N GLY B 234 41.60 -21.43 35.25
CA GLY B 234 42.52 -21.27 36.37
C GLY B 234 41.88 -21.26 37.74
N ASN B 235 40.60 -21.64 37.85
CA ASN B 235 40.00 -21.86 39.17
C ASN B 235 38.85 -22.88 39.08
N PRO B 236 39.21 -24.19 39.05
CA PRO B 236 38.20 -25.25 38.92
C PRO B 236 37.19 -25.38 40.06
N ASP B 237 37.38 -24.67 41.18
CA ASP B 237 36.33 -24.59 42.21
C ASP B 237 35.04 -23.90 41.72
N HIS B 238 35.18 -23.02 40.72
CA HIS B 238 34.04 -22.29 40.15
C HIS B 238 33.73 -22.67 38.74
N CYS B 239 32.47 -22.51 38.39
CA CYS B 239 31.97 -22.75 37.05
C CYS B 239 31.47 -21.41 36.45
N VAL B 240 31.47 -21.33 35.14
CA VAL B 240 30.98 -20.19 34.42
C VAL B 240 29.46 -20.23 34.40
N TYR B 241 28.85 -19.14 34.78
CA TYR B 241 27.43 -19.03 34.85
C TYR B 241 26.81 -18.81 33.51
N VAL B 242 25.52 -18.60 33.50
CA VAL B 242 24.78 -18.54 32.28
C VAL B 242 25.18 -17.53 31.23
N TRP B 243 25.51 -16.34 31.65
CA TRP B 243 25.80 -15.29 30.71
C TRP B 243 26.97 -15.44 29.79
N LEU B 244 28.13 -15.78 30.30
CA LEU B 244 29.26 -15.95 29.43
C LEU B 244 29.36 -17.32 28.80
N ASP B 245 28.35 -18.15 28.94
CA ASP B 245 28.35 -19.47 28.36
C ASP B 245 27.40 -19.45 27.23
N ALA B 246 26.17 -19.08 27.51
CA ALA B 246 25.11 -19.03 26.53
C ALA B 246 25.33 -18.00 25.47
N LEU B 247 25.37 -16.74 25.87
CA LEU B 247 25.57 -15.64 24.93
C LEU B 247 26.79 -15.84 24.00
N THR B 248 27.83 -16.46 24.53
CA THR B 248 29.03 -16.73 23.72
C THR B 248 28.81 -17.69 22.52
N ASN B 249 27.69 -18.42 22.48
CA ASN B 249 27.39 -19.31 21.35
C ASN B 249 27.44 -18.60 20.00
N TYR B 250 27.08 -17.32 20.00
CA TYR B 250 27.10 -16.51 18.77
C TYR B 250 28.52 -16.29 18.27
N LEU B 251 29.44 -16.05 19.19
CA LEU B 251 30.86 -15.92 18.86
C LEU B 251 31.41 -17.27 18.36
N THR B 252 31.21 -18.33 19.13
CA THR B 252 31.58 -19.69 18.70
C THR B 252 31.08 -19.97 17.28
N GLY B 253 29.78 -19.81 17.08
CA GLY B 253 29.14 -20.04 15.79
C GLY B 253 29.85 -19.32 14.66
N SER B 254 30.27 -18.08 14.91
CA SER B 254 30.88 -17.27 13.87
C SER B 254 32.29 -17.71 13.48
N ARG B 255 32.86 -18.65 14.24
CA ARG B 255 34.22 -19.17 14.01
C ARG B 255 34.27 -20.64 13.60
N LEU B 256 33.13 -21.30 13.41
CA LEU B 256 33.10 -22.71 13.05
C LEU B 256 33.00 -22.91 11.55
N ARG B 257 34.00 -23.58 10.96
CA ARG B 257 33.85 -24.17 9.63
C ARG B 257 32.94 -25.39 9.71
N VAL B 258 31.98 -25.47 8.80
CA VAL B 258 30.99 -26.54 8.76
C VAL B 258 31.11 -27.26 7.43
N ASP B 259 30.83 -28.57 7.42
CA ASP B 259 30.93 -29.39 6.19
C ASP B 259 29.56 -29.56 5.46
N GLU B 260 29.56 -30.36 4.38
CA GLU B 260 28.35 -30.73 3.64
C GLU B 260 27.17 -31.17 4.53
N SER B 261 27.42 -32.06 5.50
CA SER B 261 26.36 -32.66 6.31
C SER B 261 25.89 -31.81 7.50
N GLY B 262 26.55 -30.67 7.77
CA GLY B 262 26.17 -29.78 8.86
C GLY B 262 26.90 -30.00 10.17
N LYS B 263 27.82 -30.95 10.21
CA LYS B 263 28.70 -31.18 11.36
C LYS B 263 29.84 -30.19 11.33
N GLU B 264 30.23 -29.64 12.47
CA GLU B 264 31.40 -28.73 12.56
C GLU B 264 32.72 -29.48 12.41
N VAL B 265 33.68 -28.88 11.72
CA VAL B 265 34.98 -29.48 11.47
C VAL B 265 36.15 -28.77 12.15
N SER B 266 36.12 -27.45 12.15
CA SER B 266 37.28 -26.65 12.52
C SER B 266 36.82 -25.40 13.24
N LEU B 267 37.62 -24.90 14.19
CA LEU B 267 37.34 -23.64 14.87
C LEU B 267 38.47 -22.65 14.58
N VAL B 268 38.22 -21.65 13.75
CA VAL B 268 39.28 -20.70 13.40
C VAL B 268 39.62 -19.76 14.55
N ASP B 269 40.87 -19.32 14.58
CA ASP B 269 41.39 -18.40 15.61
C ASP B 269 40.75 -17.02 15.55
N ASP B 270 40.68 -16.48 14.34
CA ASP B 270 40.22 -15.11 14.11
C ASP B 270 38.83 -15.14 13.49
N PHE B 271 37.86 -14.48 14.14
CA PHE B 271 36.47 -14.41 13.62
C PHE B 271 36.36 -13.81 12.23
N ASN B 272 37.23 -12.83 11.94
CA ASN B 272 37.29 -12.20 10.61
C ASN B 272 37.54 -13.17 9.47
N GLU B 273 38.17 -14.33 9.75
CA GLU B 273 38.42 -15.32 8.71
C GLU B 273 37.15 -15.77 7.97
N LEU B 274 36.04 -15.94 8.69
CA LEU B 274 34.78 -16.38 8.08
C LEU B 274 33.78 -15.26 7.73
N GLU B 275 34.09 -14.01 8.12
CA GLU B 275 33.28 -12.81 7.76
C GLU B 275 31.84 -12.88 8.28
N ARG B 276 31.65 -13.47 9.46
CA ARG B 276 30.33 -13.66 10.07
C ARG B 276 30.07 -12.73 11.22
N PHE B 277 31.03 -12.62 12.14
CA PHE B 277 30.84 -11.79 13.33
C PHE B 277 31.00 -10.32 12.95
N PRO B 278 30.17 -9.45 13.48
CA PRO B 278 29.10 -9.75 14.42
C PRO B 278 27.80 -10.00 13.70
N ALA B 279 26.83 -10.52 14.45
CA ALA B 279 25.50 -10.79 13.92
C ALA B 279 24.92 -9.55 13.34
N ASP B 280 24.30 -9.71 12.17
CA ASP B 280 23.54 -8.63 11.57
C ASP B 280 22.14 -8.54 12.19
N VAL B 281 21.58 -9.69 12.58
CA VAL B 281 20.37 -9.75 13.39
C VAL B 281 20.48 -10.85 14.46
N HIS B 282 20.19 -10.48 15.72
CA HIS B 282 19.89 -11.47 16.77
C HIS B 282 18.38 -11.51 16.94
N VAL B 283 17.75 -12.66 16.65
CA VAL B 283 16.34 -12.86 16.96
C VAL B 283 16.24 -13.38 18.40
N ILE B 284 15.36 -12.77 19.20
CA ILE B 284 15.11 -13.21 20.58
C ILE B 284 13.65 -12.96 20.97
N GLY B 285 13.24 -13.56 22.08
CA GLY B 285 11.98 -13.21 22.73
C GLY B 285 12.19 -12.06 23.70
N LYS B 286 11.13 -11.40 24.06
CA LYS B 286 11.23 -10.28 24.96
C LYS B 286 11.73 -10.65 26.32
N ASP B 287 11.67 -11.92 26.64
CA ASP B 287 12.12 -12.43 27.92
C ASP B 287 13.58 -12.24 28.18
N ILE B 288 14.37 -12.36 27.14
CA ILE B 288 15.80 -12.26 27.25
C ILE B 288 16.41 -11.02 26.66
N LEU B 289 15.66 -9.93 26.59
CA LEU B 289 16.13 -8.67 26.05
C LEU B 289 17.27 -8.00 26.75
N LYS B 290 17.24 -7.97 28.07
CA LYS B 290 18.29 -7.34 28.82
C LYS B 290 19.63 -8.00 28.63
N PHE B 291 19.63 -9.30 28.57
CA PHE B 291 20.84 -10.08 28.39
C PHE B 291 21.50 -9.81 27.07
N HIS B 292 20.70 -9.71 26.06
CA HIS B 292 21.14 -9.43 24.72
C HIS B 292 21.53 -7.99 24.42
N ALA B 293 20.82 -7.09 25.01
CA ALA B 293 20.97 -5.65 24.75
C ALA B 293 21.82 -4.92 25.77
N ILE B 294 22.02 -5.52 26.95
CA ILE B 294 22.84 -4.91 28.02
C ILE B 294 24.11 -5.73 28.30
N TYR B 295 23.95 -6.97 28.77
CA TYR B 295 25.11 -7.81 29.15
C TYR B 295 26.05 -8.09 27.96
N TRP B 296 25.46 -8.61 26.90
CA TRP B 296 26.19 -9.05 25.69
C TRP B 296 27.03 -7.93 25.07
N PRO B 297 26.43 -6.75 24.78
CA PRO B 297 27.29 -5.68 24.28
C PRO B 297 28.44 -5.27 25.24
N ALA B 298 28.18 -5.30 26.55
CA ALA B 298 29.20 -4.95 27.55
C ALA B 298 30.36 -5.94 27.54
N PHE B 299 30.07 -7.24 27.39
CA PHE B 299 31.10 -8.29 27.25
C PHE B 299 31.93 -8.05 26.00
N LEU B 300 31.25 -7.69 24.92
CA LEU B 300 31.90 -7.42 23.64
C LEU B 300 32.70 -6.13 23.68
N LEU B 301 32.19 -5.12 24.38
CA LEU B 301 32.94 -3.88 24.58
C LEU B 301 34.22 -4.11 25.40
N SER B 302 34.09 -4.88 26.48
CA SER B 302 35.23 -5.24 27.34
C SER B 302 36.30 -5.93 26.54
N ALA B 303 35.89 -6.88 25.69
CA ALA B 303 36.82 -7.70 24.90
C ALA B 303 37.34 -7.05 23.61
N GLY B 304 36.88 -5.84 23.30
CA GLY B 304 37.25 -5.17 22.07
C GLY B 304 36.69 -5.79 20.80
N LEU B 305 35.57 -6.51 20.92
CA LEU B 305 34.88 -7.13 19.78
C LEU B 305 33.80 -6.19 19.25
N PRO B 306 33.42 -6.33 17.97
CA PRO B 306 32.38 -5.47 17.40
C PRO B 306 30.99 -5.90 17.85
N LEU B 307 30.12 -4.91 17.98
CA LEU B 307 28.76 -5.12 18.51
C LEU B 307 27.84 -5.50 17.36
N PRO B 308 26.77 -6.24 17.67
CA PRO B 308 25.84 -6.62 16.62
C PRO B 308 25.12 -5.41 16.07
N LYS B 309 24.52 -5.60 14.92
CA LYS B 309 23.88 -4.50 14.19
C LYS B 309 22.47 -4.29 14.69
N LYS B 310 21.68 -5.37 14.78
CA LYS B 310 20.30 -5.32 15.23
C LYS B 310 19.97 -6.47 16.17
N ILE B 311 19.16 -6.16 17.17
CA ILE B 311 18.51 -7.16 18.02
C ILE B 311 17.02 -6.96 17.85
N VAL B 312 16.31 -8.01 17.43
CA VAL B 312 14.85 -7.95 17.26
C VAL B 312 14.21 -8.86 18.31
N ALA B 313 13.34 -8.28 19.13
CA ALA B 313 12.68 -8.97 20.23
C ALA B 313 11.18 -9.04 19.98
N HIS B 314 10.66 -10.27 19.96
CA HIS B 314 9.26 -10.50 19.61
C HIS B 314 8.36 -10.77 20.82
N GLY B 315 7.11 -11.08 20.60
CA GLY B 315 6.20 -11.37 21.68
C GLY B 315 5.97 -12.82 21.99
N TRP B 316 5.06 -13.09 22.90
CA TRP B 316 4.68 -14.44 23.28
C TRP B 316 3.40 -14.79 22.59
N TRP B 317 2.98 -16.04 22.64
CA TRP B 317 1.74 -16.43 22.02
C TRP B 317 0.73 -17.05 22.95
N THR B 318 -0.50 -16.58 22.88
CA THR B 318 -1.64 -17.20 23.51
C THR B 318 -2.33 -18.10 22.49
N LYS B 319 -3.11 -19.08 22.95
CA LYS B 319 -4.09 -19.77 22.09
C LYS B 319 -5.50 -19.56 22.65
N ASP B 320 -6.43 -19.16 21.78
CA ASP B 320 -7.84 -18.87 22.15
C ASP B 320 -7.94 -17.84 23.28
N ARG B 321 -7.11 -16.80 23.16
CA ARG B 321 -6.96 -15.73 24.16
C ARG B 321 -6.71 -16.25 25.60
N LYS B 322 -5.94 -17.32 25.70
CA LYS B 322 -5.56 -17.97 26.97
C LYS B 322 -4.11 -18.45 26.85
N LYS B 323 -3.36 -18.45 27.96
CA LYS B 323 -1.95 -18.88 27.93
C LYS B 323 -1.88 -20.36 27.55
N ILE B 324 -0.93 -20.70 26.69
CA ILE B 324 -0.68 -22.06 26.28
C ILE B 324 0.03 -22.75 27.44
N SER B 325 -0.70 -23.68 28.04
CA SER B 325 -0.20 -24.43 29.19
C SER B 325 -0.52 -25.87 29.09
N LYS B 326 0.40 -26.69 29.55
CA LYS B 326 0.20 -28.11 29.55
C LYS B 326 -0.86 -28.61 30.52
N SER B 327 -0.75 -28.12 31.74
CA SER B 327 -1.57 -28.46 32.89
C SER B 327 -2.96 -27.90 32.81
N LEU B 328 -3.15 -27.02 31.86
CA LEU B 328 -4.49 -26.40 31.69
C LEU B 328 -5.28 -26.81 30.41
N GLY B 329 -4.80 -27.83 29.70
CA GLY B 329 -5.51 -28.32 28.50
C GLY B 329 -5.60 -27.34 27.32
N ASN B 330 -4.79 -26.29 27.32
CA ASN B 330 -4.62 -25.43 26.15
C ASN B 330 -3.28 -25.72 25.45
N VAL B 331 -3.29 -26.69 24.55
CA VAL B 331 -2.11 -27.12 23.79
C VAL B 331 -2.09 -26.44 22.41
N PHE B 332 -0.89 -26.13 21.90
CA PHE B 332 -0.73 -25.63 20.52
C PHE B 332 0.54 -26.22 19.93
N ASP B 333 0.40 -27.43 19.38
CA ASP B 333 1.53 -28.15 18.78
C ASP B 333 1.73 -27.68 17.32
N PRO B 334 2.86 -27.03 17.01
CA PRO B 334 3.07 -26.58 15.65
C PRO B 334 3.06 -27.72 14.62
N VAL B 335 3.70 -28.84 14.92
CA VAL B 335 3.83 -29.93 13.95
C VAL B 335 2.46 -30.55 13.63
N GLU B 336 1.58 -30.59 14.64
CA GLU B 336 0.20 -31.07 14.47
C GLU B 336 -0.56 -30.13 13.54
N LYS B 337 -0.52 -28.85 13.86
CA LYS B 337 -1.25 -27.84 13.09
C LYS B 337 -0.74 -27.66 11.66
N ALA B 338 0.54 -27.91 11.44
CA ALA B 338 1.09 -27.89 10.08
C ALA B 338 0.63 -29.08 9.26
N GLU B 339 0.55 -30.25 9.91
CA GLU B 339 0.00 -31.44 9.26
C GLU B 339 -1.50 -31.28 8.91
N GLU B 340 -2.24 -30.47 9.66
CA GLU B 340 -3.66 -30.23 9.36
C GLU B 340 -3.93 -29.19 8.26
N PHE B 341 -3.18 -28.08 8.26
CA PHE B 341 -3.41 -26.94 7.34
C PHE B 341 -2.36 -26.72 6.26
N GLY B 342 -1.19 -27.34 6.40
CA GLY B 342 -0.03 -27.08 5.53
C GLY B 342 1.11 -26.42 6.30
N TYR B 343 2.36 -26.72 5.90
CA TYR B 343 3.55 -26.17 6.58
C TYR B 343 3.78 -24.68 6.29
N ASP B 344 3.90 -24.34 5.00
CA ASP B 344 4.03 -22.95 4.58
C ASP B 344 2.86 -22.10 5.06
N ALA B 345 1.67 -22.69 5.05
CA ALA B 345 0.45 -22.00 5.51
C ALA B 345 0.53 -21.57 6.98
N LEU B 346 1.00 -22.45 7.84
CA LEU B 346 1.16 -22.15 9.27
C LEU B 346 2.20 -21.06 9.49
N LYS B 347 3.31 -21.19 8.77
CA LYS B 347 4.38 -20.19 8.89
C LYS B 347 3.84 -18.84 8.49
N TYR B 348 3.13 -18.80 7.36
CA TYR B 348 2.46 -17.60 6.91
C TYR B 348 1.58 -16.98 7.98
N PHE B 349 0.80 -17.82 8.64
CA PHE B 349 -0.07 -17.34 9.69
C PHE B 349 0.66 -16.72 10.88
N LEU B 350 1.70 -17.40 11.37
CA LEU B 350 2.45 -16.91 12.51
C LEU B 350 3.18 -15.57 12.24
N LEU B 351 3.65 -15.42 11.00
CA LEU B 351 4.36 -14.23 10.59
C LEU B 351 3.40 -13.09 10.22
N ARG B 352 2.22 -13.42 9.70
CA ARG B 352 1.22 -12.40 9.25
C ARG B 352 0.33 -11.92 10.41
N GLU B 353 0.01 -12.82 11.33
CA GLU B 353 -0.99 -12.52 12.38
C GLU B 353 -0.51 -11.55 13.49
N SER B 354 0.80 -11.53 13.74
CA SER B 354 1.38 -10.80 14.86
C SER B 354 2.55 -9.98 14.41
N GLY B 355 2.66 -8.79 14.97
CA GLY B 355 3.88 -8.01 14.84
C GLY B 355 4.86 -8.41 15.93
N PHE B 356 6.04 -7.81 15.93
CA PHE B 356 7.02 -8.11 16.95
C PHE B 356 6.69 -7.32 18.23
N SER B 357 5.91 -6.25 18.09
CA SER B 357 5.32 -5.58 19.27
C SER B 357 4.13 -6.34 19.90
N ASP B 358 3.39 -7.08 19.10
CA ASP B 358 2.22 -7.84 19.57
C ASP B 358 2.59 -9.23 20.10
N ASP B 359 2.01 -9.55 21.26
CA ASP B 359 1.73 -10.93 21.65
C ASP B 359 0.65 -11.55 20.75
N GLY B 360 1.03 -12.34 19.75
CA GLY B 360 0.04 -12.98 18.83
C GLY B 360 -0.95 -13.95 19.48
N ASP B 361 -2.06 -14.23 18.79
CA ASP B 361 -3.06 -15.21 19.23
C ASP B 361 -3.54 -16.18 18.12
N TYR B 362 -3.40 -17.47 18.38
CA TYR B 362 -3.81 -18.48 17.44
C TYR B 362 -5.14 -19.11 17.74
N SER B 363 -5.96 -19.21 16.71
CA SER B 363 -7.24 -19.86 16.81
C SER B 363 -7.44 -20.52 15.47
N ASP B 364 -8.16 -21.61 15.44
CA ASP B 364 -8.43 -22.33 14.21
C ASP B 364 -9.26 -21.50 13.25
N LYS B 365 -10.25 -20.82 13.79
CA LYS B 365 -11.11 -19.87 13.07
C LYS B 365 -10.29 -18.92 12.20
N ASN B 366 -9.30 -18.26 12.81
CA ASN B 366 -8.50 -17.24 12.11
C ASN B 366 -7.48 -17.80 11.16
N MET B 367 -6.85 -18.91 11.54
CA MET B 367 -5.96 -19.61 10.64
C MET B 367 -6.65 -20.02 9.32
N ILE B 368 -7.91 -20.43 9.42
CA ILE B 368 -8.73 -20.75 8.26
C ILE B 368 -9.14 -19.49 7.49
N ALA B 369 -9.53 -18.45 8.22
CA ALA B 369 -9.82 -17.16 7.61
C ALA B 369 -8.68 -16.71 6.69
N ARG B 370 -7.46 -16.72 7.22
CA ARG B 370 -6.28 -16.29 6.48
C ARG B 370 -5.86 -17.26 5.40
N LEU B 371 -6.04 -18.56 5.65
CA LEU B 371 -5.81 -19.57 4.61
C LEU B 371 -6.73 -19.36 3.39
N ASN B 372 -8.03 -19.19 3.63
CA ASN B 372 -9.00 -19.01 2.56
C ASN B 372 -8.94 -17.61 1.94
N GLY B 373 -9.11 -16.60 2.80
CA GLY B 373 -9.12 -15.20 2.38
C GLY B 373 -7.89 -14.70 1.61
N GLU B 374 -6.71 -15.12 2.05
CA GLU B 374 -5.45 -14.58 1.51
C GLU B 374 -4.68 -15.60 0.66
N LEU B 375 -4.37 -16.78 1.22
CA LEU B 375 -3.55 -17.76 0.49
C LEU B 375 -4.27 -18.41 -0.69
N ALA B 376 -5.53 -18.78 -0.49
CA ALA B 376 -6.33 -19.42 -1.55
C ALA B 376 -6.95 -18.38 -2.49
N ASP B 377 -7.73 -17.47 -1.94
CA ASP B 377 -8.50 -16.51 -2.73
C ASP B 377 -7.65 -15.42 -3.39
N THR B 378 -6.61 -14.95 -2.72
CA THR B 378 -5.79 -13.87 -3.30
C THR B 378 -4.67 -14.46 -4.15
N LEU B 379 -3.77 -15.20 -3.52
CA LEU B 379 -2.57 -15.71 -4.22
C LEU B 379 -2.91 -16.93 -5.10
N GLY B 380 -3.52 -17.94 -4.51
CA GLY B 380 -3.79 -19.19 -5.21
C GLY B 380 -4.65 -19.03 -6.44
N ASN B 381 -5.78 -18.36 -6.24
CA ASN B 381 -6.70 -17.99 -7.33
C ASN B 381 -5.96 -17.37 -8.53
N LEU B 382 -5.15 -16.35 -8.22
CA LEU B 382 -4.43 -15.57 -9.21
C LEU B 382 -3.42 -16.38 -10.00
N VAL B 383 -2.77 -17.34 -9.33
CA VAL B 383 -1.84 -18.25 -9.98
C VAL B 383 -2.57 -19.13 -11.00
N MET B 384 -3.76 -19.60 -10.64
CA MET B 384 -4.53 -20.45 -11.56
C MET B 384 -5.04 -19.67 -12.78
N ARG B 385 -5.60 -18.47 -12.56
CA ARG B 385 -6.06 -17.57 -13.66
C ARG B 385 -4.99 -17.31 -14.74
N CYS B 386 -3.79 -16.93 -14.33
CA CYS B 386 -2.75 -16.61 -15.31
C CYS B 386 -2.07 -17.84 -15.97
N THR B 387 -2.33 -19.04 -15.47
CA THR B 387 -1.79 -20.28 -16.06
C THR B 387 -2.79 -21.11 -16.86
N SER B 388 -4.09 -20.95 -16.60
CA SER B 388 -5.10 -21.89 -17.12
C SER B 388 -5.19 -21.87 -18.64
N ALA B 389 -5.48 -23.02 -19.21
CA ALA B 389 -5.57 -23.19 -20.63
C ALA B 389 -6.66 -22.34 -21.22
N LYS B 390 -7.63 -21.98 -20.40
CA LYS B 390 -8.71 -21.17 -20.90
C LYS B 390 -8.27 -19.81 -21.33
N ILE B 391 -7.46 -19.17 -20.49
CA ILE B 391 -6.97 -17.80 -20.64
C ILE B 391 -5.63 -17.80 -21.36
N ASN B 392 -4.68 -18.54 -20.81
CA ASN B 392 -3.34 -18.66 -21.38
C ASN B 392 -3.35 -19.81 -22.38
N VAL B 393 -3.83 -19.52 -23.58
CA VAL B 393 -4.07 -20.55 -24.60
C VAL B 393 -2.79 -21.22 -25.14
N ASN B 394 -1.70 -20.48 -25.25
CA ASN B 394 -0.45 -21.05 -25.75
C ASN B 394 0.48 -21.63 -24.68
N GLY B 395 0.07 -21.58 -23.42
CA GLY B 395 0.86 -22.08 -22.29
C GLY B 395 2.24 -21.46 -22.19
N GLU B 396 2.30 -20.13 -22.40
CA GLU B 396 3.57 -19.41 -22.39
C GLU B 396 3.39 -17.99 -21.87
N TRP B 397 4.52 -17.34 -21.61
CA TRP B 397 4.55 -15.92 -21.30
C TRP B 397 4.46 -15.18 -22.63
N PRO B 398 3.33 -14.49 -22.90
CA PRO B 398 3.23 -13.83 -24.21
C PRO B 398 4.00 -12.52 -24.21
N SER B 399 4.20 -11.98 -25.40
CA SER B 399 4.92 -10.73 -25.57
C SER B 399 3.93 -9.57 -25.48
N PRO B 400 4.17 -8.57 -24.62
CA PRO B 400 3.13 -7.57 -24.39
C PRO B 400 3.03 -6.58 -25.54
N ALA B 401 1.84 -6.03 -25.74
CA ALA B 401 1.62 -4.90 -26.64
C ALA B 401 1.85 -3.59 -25.88
N ALA B 402 1.37 -2.47 -26.44
CA ALA B 402 1.53 -1.19 -25.78
C ALA B 402 0.72 -1.14 -24.49
N TYR B 403 1.23 -0.36 -23.55
CA TYR B 403 0.68 -0.30 -22.20
C TYR B 403 -0.29 0.89 -22.04
N THR B 404 -1.49 0.64 -21.53
CA THR B 404 -2.41 1.72 -21.08
C THR B 404 -1.85 2.41 -19.82
N GLU B 405 -2.45 3.52 -19.43
CA GLU B 405 -2.08 4.12 -18.13
C GLU B 405 -2.50 3.24 -16.95
N GLU B 406 -3.58 2.48 -17.09
CA GLU B 406 -3.93 1.49 -16.05
C GLU B 406 -2.87 0.36 -15.95
N ASP B 407 -2.38 -0.12 -17.09
CA ASP B 407 -1.29 -1.12 -17.14
C ASP B 407 -0.05 -0.60 -16.42
N GLU B 408 0.30 0.66 -16.71
CA GLU B 408 1.44 1.31 -16.11
C GLU B 408 1.28 1.48 -14.60
N SER B 409 0.06 1.78 -14.15
CA SER B 409 -0.21 2.00 -12.72
C SER B 409 0.05 0.71 -11.90
N LEU B 410 -0.25 -0.44 -12.48
CA LEU B 410 0.03 -1.73 -11.83
C LEU B 410 1.51 -2.05 -11.88
N ILE B 411 2.10 -1.88 -13.06
CA ILE B 411 3.53 -2.13 -13.29
C ILE B 411 4.37 -1.33 -12.32
N GLN B 412 3.99 -0.08 -12.11
CA GLN B 412 4.69 0.78 -11.17
C GLN B 412 4.72 0.16 -9.76
N LEU B 413 3.59 -0.38 -9.32
CA LEU B 413 3.50 -1.04 -8.01
C LEU B 413 4.39 -2.25 -7.95
N ILE B 414 4.42 -3.01 -9.04
CA ILE B 414 5.23 -4.21 -9.10
C ILE B 414 6.71 -3.82 -9.00
N LYS B 415 7.11 -2.79 -9.75
CA LYS B 415 8.49 -2.28 -9.70
C LYS B 415 8.92 -1.73 -8.34
N ASP B 416 8.00 -1.04 -7.66
CA ASP B 416 8.28 -0.47 -6.36
C ASP B 416 8.37 -1.51 -5.26
N LEU B 417 7.69 -2.64 -5.45
CA LEU B 417 7.54 -3.63 -4.40
C LEU B 417 8.86 -4.12 -3.78
N PRO B 418 9.84 -4.53 -4.61
CA PRO B 418 11.08 -5.07 -4.07
C PRO B 418 11.80 -4.13 -3.09
N GLY B 419 11.88 -2.85 -3.42
CA GLY B 419 12.48 -1.86 -2.54
C GLY B 419 11.74 -1.70 -1.22
N THR B 420 10.41 -1.71 -1.30
CA THR B 420 9.53 -1.58 -0.14
C THR B 420 9.68 -2.80 0.77
N ALA B 421 9.54 -3.99 0.19
CA ALA B 421 9.69 -5.25 0.93
C ALA B 421 11.10 -5.38 1.51
N ASP B 422 12.12 -5.02 0.74
CA ASP B 422 13.51 -5.05 1.20
C ASP B 422 13.70 -4.22 2.46
N HIS B 423 13.19 -2.98 2.47
CA HIS B 423 13.28 -2.16 3.68
C HIS B 423 12.58 -2.85 4.86
N TYR B 424 11.43 -3.45 4.61
CA TYR B 424 10.72 -4.13 5.68
C TYR B 424 11.47 -5.37 6.18
N TYR B 425 11.94 -6.21 5.28
CA TYR B 425 12.77 -7.37 5.63
C TYR B 425 14.00 -6.95 6.40
N LEU B 426 14.56 -5.79 6.08
CA LEU B 426 15.76 -5.32 6.79
C LEU B 426 15.53 -4.71 8.17
N ILE B 427 14.33 -4.22 8.48
CA ILE B 427 14.06 -3.59 9.79
C ILE B 427 14.54 -4.41 11.00
N PRO B 428 14.13 -5.67 11.15
CA PRO B 428 13.22 -6.41 10.27
C PRO B 428 11.78 -6.42 10.77
N ASP B 429 10.83 -6.31 9.84
CA ASP B 429 9.38 -6.37 10.14
C ASP B 429 8.75 -7.27 9.08
N ILE B 430 8.64 -8.56 9.39
CA ILE B 430 8.26 -9.55 8.40
C ILE B 430 6.76 -9.49 8.14
N GLN B 431 5.98 -9.08 9.14
CA GLN B 431 4.55 -8.82 8.96
C GLN B 431 4.29 -7.75 7.92
N LYS B 432 4.97 -6.60 8.06
CA LYS B 432 4.81 -5.50 7.11
C LYS B 432 5.27 -5.90 5.68
N ALA B 433 6.33 -6.68 5.58
CA ALA B 433 6.80 -7.17 4.28
C ALA B 433 5.75 -8.01 3.57
N ILE B 434 5.12 -8.91 4.31
CA ILE B 434 4.06 -9.76 3.78
C ILE B 434 2.89 -8.89 3.28
N ILE B 435 2.47 -7.98 4.15
CA ILE B 435 1.35 -7.08 3.86
C ILE B 435 1.64 -6.30 2.58
N ALA B 436 2.88 -5.82 2.43
CA ALA B 436 3.27 -5.07 1.24
C ALA B 436 3.13 -5.89 -0.05
N VAL B 437 3.49 -7.17 0.01
CA VAL B 437 3.34 -8.05 -1.13
C VAL B 437 1.86 -8.29 -1.43
N PHE B 438 1.09 -8.61 -0.40
CA PHE B 438 -0.34 -8.87 -0.56
C PHE B 438 -1.12 -7.65 -1.02
N ASP B 439 -0.65 -6.45 -0.68
CA ASP B 439 -1.19 -5.23 -1.25
C ASP B 439 -1.05 -5.27 -2.77
N VAL B 440 0.11 -5.68 -3.26
CA VAL B 440 0.31 -5.79 -4.70
C VAL B 440 -0.50 -6.96 -5.28
N LEU B 441 -0.64 -8.06 -4.55
CA LEU B 441 -1.45 -9.16 -5.06
C LEU B 441 -2.92 -8.76 -5.21
N ARG B 442 -3.49 -8.14 -4.18
CA ARG B 442 -4.85 -7.60 -4.24
C ARG B 442 -5.03 -6.68 -5.45
N ALA B 443 -4.06 -5.79 -5.68
CA ALA B 443 -4.04 -4.91 -6.84
C ALA B 443 -4.03 -5.66 -8.16
N ILE B 444 -3.24 -6.71 -8.27
CA ILE B 444 -3.18 -7.52 -9.49
C ILE B 444 -4.53 -8.20 -9.73
N ASN B 445 -5.15 -8.72 -8.68
CA ASN B 445 -6.50 -9.32 -8.81
C ASN B 445 -7.52 -8.34 -9.31
N ALA B 446 -7.43 -7.10 -8.81
CA ALA B 446 -8.32 -6.01 -9.24
C ALA B 446 -8.15 -5.71 -10.73
N TYR B 447 -6.90 -5.57 -11.15
CA TYR B 447 -6.54 -5.42 -12.56
C TYR B 447 -7.10 -6.55 -13.44
N VAL B 448 -7.03 -7.78 -12.95
CA VAL B 448 -7.54 -8.94 -13.69
C VAL B 448 -9.06 -8.90 -13.78
N THR B 449 -9.69 -8.58 -12.69
CA THR B 449 -11.11 -8.49 -12.67
C THR B 449 -11.56 -7.39 -13.60
N ASP B 450 -10.88 -6.26 -13.60
CA ASP B 450 -11.22 -5.18 -14.49
C ASP B 450 -11.02 -5.45 -15.94
N MET B 451 -9.91 -6.09 -16.25
CA MET B 451 -9.51 -6.37 -17.63
C MET B 451 -10.20 -7.58 -18.21
N ALA B 452 -10.60 -8.50 -17.33
CA ALA B 452 -11.45 -9.64 -17.72
C ALA B 452 -10.83 -10.47 -18.87
N PRO B 453 -9.58 -10.94 -18.68
CA PRO B 453 -8.84 -11.61 -19.76
C PRO B 453 -9.56 -12.84 -20.36
N TRP B 454 -10.39 -13.50 -19.54
CA TRP B 454 -11.26 -14.57 -20.02
C TRP B 454 -12.15 -14.14 -21.20
N LYS B 455 -12.70 -12.92 -21.17
CA LYS B 455 -13.39 -12.37 -22.36
C LYS B 455 -12.45 -12.08 -23.55
N LEU B 456 -11.26 -11.56 -23.24
CA LEU B 456 -10.33 -11.11 -24.27
C LEU B 456 -9.74 -12.20 -25.18
N VAL B 457 -9.87 -13.48 -24.84
CA VAL B 457 -9.43 -14.56 -25.74
C VAL B 457 -10.24 -14.52 -27.04
N LYS B 458 -11.56 -14.32 -26.91
CA LYS B 458 -12.45 -14.18 -28.05
C LYS B 458 -12.27 -12.80 -28.73
N THR B 459 -12.60 -11.73 -28.00
CA THR B 459 -12.71 -10.37 -28.60
C THR B 459 -11.40 -9.66 -28.98
N ASP B 460 -10.33 -9.81 -28.20
CA ASP B 460 -9.11 -8.97 -28.39
C ASP B 460 -7.81 -9.67 -27.94
N PRO B 461 -7.20 -10.48 -28.83
CA PRO B 461 -5.97 -11.20 -28.45
C PRO B 461 -4.77 -10.30 -28.28
N GLU B 462 -4.63 -9.27 -29.12
CA GLU B 462 -3.55 -8.28 -28.98
C GLU B 462 -3.49 -7.76 -27.54
N ARG B 463 -4.66 -7.44 -26.98
CA ARG B 463 -4.77 -6.88 -25.63
C ARG B 463 -4.44 -7.92 -24.56
N LEU B 464 -4.82 -9.15 -24.77
CA LEU B 464 -4.55 -10.19 -23.80
C LEU B 464 -3.09 -10.42 -23.53
N ARG B 465 -2.27 -10.33 -24.54
CA ARG B 465 -0.86 -10.55 -24.35
C ARG B 465 -0.36 -9.56 -23.36
N THR B 466 -0.80 -8.34 -23.46
CA THR B 466 -0.38 -7.30 -22.52
C THR B 466 -0.85 -7.63 -21.09
N VAL B 467 -2.14 -7.93 -20.95
CA VAL B 467 -2.77 -8.18 -19.66
C VAL B 467 -2.13 -9.39 -18.97
N LEU B 468 -1.98 -10.46 -19.75
CA LEU B 468 -1.46 -11.72 -19.24
C LEU B 468 0.00 -11.62 -18.83
N TYR B 469 0.82 -10.96 -19.66
CA TYR B 469 2.24 -10.76 -19.36
C TYR B 469 2.47 -10.02 -18.04
N ILE B 470 1.72 -8.94 -17.84
CA ILE B 470 1.78 -8.16 -16.62
C ILE B 470 1.33 -9.00 -15.44
N THR B 471 0.24 -9.76 -15.59
CA THR B 471 -0.24 -10.62 -14.51
C THR B 471 0.86 -11.57 -14.09
N LEU B 472 1.38 -12.30 -15.08
CA LEU B 472 2.43 -13.30 -14.84
C LEU B 472 3.62 -12.69 -14.12
N GLU B 473 4.08 -11.55 -14.60
CA GLU B 473 5.24 -10.90 -14.00
C GLU B 473 4.94 -10.41 -12.59
N GLY B 474 3.73 -9.92 -12.34
CA GLY B 474 3.33 -9.52 -10.99
C GLY B 474 3.34 -10.71 -10.05
N VAL B 475 2.81 -11.83 -10.54
CA VAL B 475 2.80 -13.08 -9.77
C VAL B 475 4.22 -13.58 -9.51
N ARG B 476 5.12 -13.43 -10.47
CA ARG B 476 6.51 -13.86 -10.28
C ARG B 476 7.17 -13.06 -9.17
N VAL B 477 7.09 -11.75 -9.28
CA VAL B 477 7.79 -10.86 -8.36
C VAL B 477 7.20 -10.98 -6.95
N THR B 478 5.87 -11.02 -6.84
CA THR B 478 5.24 -11.24 -5.54
C THR B 478 5.66 -12.60 -4.96
N THR B 479 5.71 -13.63 -5.80
CA THR B 479 6.10 -14.96 -5.36
C THR B 479 7.57 -14.99 -4.93
N LEU B 480 8.43 -14.30 -5.69
CA LEU B 480 9.85 -14.21 -5.34
C LEU B 480 10.04 -13.63 -3.95
N LEU B 481 9.44 -12.48 -3.68
CA LEU B 481 9.55 -11.83 -2.37
C LEU B 481 8.80 -12.56 -1.24
N LEU B 482 7.83 -13.41 -1.58
CA LEU B 482 7.17 -14.29 -0.60
C LEU B 482 7.88 -15.64 -0.38
N SER B 483 8.91 -15.95 -1.18
CA SER B 483 9.55 -17.25 -1.09
C SER B 483 10.25 -17.55 0.26
N PRO B 484 10.70 -16.53 1.01
CA PRO B 484 11.14 -16.83 2.39
C PRO B 484 10.01 -17.23 3.35
N ILE B 485 8.78 -16.87 3.04
CA ILE B 485 7.61 -17.17 3.87
C ILE B 485 6.96 -18.48 3.45
N LEU B 486 6.93 -18.74 2.16
CA LEU B 486 6.27 -19.90 1.58
C LEU B 486 7.30 -20.60 0.68
N PRO B 487 8.37 -21.15 1.29
CA PRO B 487 9.46 -21.73 0.49
C PRO B 487 9.09 -22.91 -0.44
N ARG B 488 8.16 -23.76 -0.01
CA ARG B 488 7.71 -24.89 -0.83
C ARG B 488 6.72 -24.49 -1.89
N LYS B 489 5.70 -23.74 -1.47
CA LYS B 489 4.67 -23.28 -2.41
C LYS B 489 5.23 -22.34 -3.45
N SER B 490 6.22 -21.52 -3.10
CA SER B 490 6.90 -20.67 -4.08
C SER B 490 7.52 -21.50 -5.21
N VAL B 491 8.15 -22.61 -4.84
CA VAL B 491 8.73 -23.54 -5.82
C VAL B 491 7.64 -24.11 -6.74
N VAL B 492 6.49 -24.49 -6.16
CA VAL B 492 5.38 -25.01 -6.96
C VAL B 492 4.85 -23.93 -7.93
N ILE B 493 4.69 -22.71 -7.40
CA ILE B 493 4.24 -21.59 -8.21
C ILE B 493 5.23 -21.37 -9.36
N PHE B 494 6.52 -21.26 -9.05
CA PHE B 494 7.51 -21.01 -10.11
C PHE B 494 7.49 -22.12 -11.15
N ASP B 495 7.31 -23.38 -10.72
CA ASP B 495 7.22 -24.51 -11.66
C ASP B 495 6.04 -24.33 -12.60
N MET B 496 4.86 -23.99 -12.03
CA MET B 496 3.66 -23.71 -12.82
C MET B 496 3.92 -22.61 -13.86
N LEU B 497 4.53 -21.52 -13.39
CA LEU B 497 4.87 -20.38 -14.25
C LEU B 497 6.03 -20.67 -15.22
N GLY B 498 6.79 -21.73 -14.95
CA GLY B 498 7.87 -22.17 -15.82
C GLY B 498 9.09 -21.27 -15.75
N VAL B 499 9.38 -20.78 -14.55
CA VAL B 499 10.46 -19.84 -14.33
C VAL B 499 11.75 -20.66 -14.19
N PRO B 500 12.77 -20.37 -15.03
CA PRO B 500 14.03 -21.09 -14.86
C PRO B 500 14.66 -20.86 -13.50
N GLU B 501 15.34 -21.88 -12.97
CA GLU B 501 15.99 -21.82 -11.65
C GLU B 501 16.80 -20.56 -11.43
N VAL B 502 17.59 -20.18 -12.44
CA VAL B 502 18.44 -18.99 -12.37
C VAL B 502 17.67 -17.71 -11.99
N HIS B 503 16.42 -17.60 -12.46
CA HIS B 503 15.56 -16.43 -12.20
C HIS B 503 14.79 -16.45 -10.87
N ARG B 504 14.97 -17.51 -10.07
CA ARG B 504 14.28 -17.69 -8.78
C ARG B 504 15.03 -17.13 -7.57
N LYS B 505 16.24 -16.60 -7.78
CA LYS B 505 16.94 -15.88 -6.74
C LYS B 505 17.84 -14.85 -7.37
N GLY B 506 18.37 -13.95 -6.53
CA GLY B 506 19.27 -12.87 -6.95
C GLY B 506 18.52 -11.57 -7.12
N ILE B 507 19.12 -10.50 -6.61
CA ILE B 507 18.58 -9.16 -6.67
C ILE B 507 18.34 -8.69 -8.11
N GLU B 508 19.14 -9.22 -9.05
CA GLU B 508 18.91 -9.02 -10.49
C GLU B 508 17.49 -9.36 -10.94
N ASN B 509 16.89 -10.40 -10.36
CA ASN B 509 15.54 -10.88 -10.72
C ASN B 509 14.39 -10.28 -9.91
N PHE B 510 14.71 -9.35 -9.02
CA PHE B 510 13.73 -8.46 -8.43
C PHE B 510 13.16 -7.50 -9.51
N GLU B 511 13.95 -7.19 -10.54
CA GLU B 511 13.54 -6.25 -11.59
C GLU B 511 12.41 -6.78 -12.47
N PHE B 512 11.50 -5.87 -12.82
CA PHE B 512 10.39 -6.16 -13.71
C PHE B 512 10.93 -6.61 -15.07
N GLY B 513 10.30 -7.64 -15.64
CA GLY B 513 10.65 -8.18 -16.95
C GLY B 513 11.89 -9.04 -17.00
N ALA B 514 12.18 -9.74 -15.91
CA ALA B 514 13.38 -10.59 -15.85
C ALA B 514 13.20 -11.85 -16.70
N VAL B 515 12.01 -12.44 -16.64
CA VAL B 515 11.67 -13.60 -17.46
C VAL B 515 11.20 -13.12 -18.82
N PRO B 516 11.87 -13.58 -19.91
CA PRO B 516 11.53 -13.08 -21.23
C PRO B 516 10.26 -13.74 -21.78
N PRO B 517 9.57 -13.04 -22.69
CA PRO B 517 8.40 -13.65 -23.35
C PRO B 517 8.84 -14.86 -24.18
N GLY B 518 7.96 -15.85 -24.30
CA GLY B 518 8.27 -17.11 -24.97
C GLY B 518 8.66 -18.24 -24.02
N THR B 519 8.98 -17.89 -22.77
CA THR B 519 9.17 -18.86 -21.71
C THR B 519 7.94 -19.74 -21.59
N ARG B 520 8.13 -21.06 -21.66
CA ARG B 520 7.00 -21.98 -21.56
C ARG B 520 6.65 -22.25 -20.09
N LEU B 521 5.37 -22.49 -19.83
CA LEU B 521 4.90 -22.82 -18.48
C LEU B 521 5.25 -24.24 -18.13
N GLY B 522 5.08 -24.60 -16.87
CA GLY B 522 5.17 -25.99 -16.43
C GLY B 522 3.91 -26.72 -16.82
N PRO B 523 3.98 -28.06 -16.97
CA PRO B 523 2.75 -28.81 -17.21
C PRO B 523 1.78 -28.75 -16.02
N ALA B 524 0.51 -28.92 -16.31
CA ALA B 524 -0.53 -28.87 -15.31
C ALA B 524 -0.97 -30.24 -14.88
N VAL B 525 -1.33 -30.39 -13.62
CA VAL B 525 -1.78 -31.68 -13.14
C VAL B 525 -3.26 -31.59 -12.95
N GLU B 526 -4.00 -32.49 -13.57
CA GLU B 526 -5.43 -32.44 -13.46
C GLU B 526 -5.81 -32.51 -11.99
N GLY B 527 -6.69 -31.61 -11.59
CA GLY B 527 -7.16 -31.57 -10.22
C GLY B 527 -6.25 -30.89 -9.23
N GLU B 528 -5.14 -30.33 -9.69
CA GLU B 528 -4.25 -29.67 -8.77
C GLU B 528 -4.79 -28.38 -8.15
N VAL B 529 -4.58 -28.26 -6.85
CA VAL B 529 -4.90 -27.06 -6.08
C VAL B 529 -3.62 -26.62 -5.37
N LEU B 530 -3.36 -25.32 -5.37
CA LEU B 530 -2.17 -24.75 -4.73
C LEU B 530 -2.39 -24.65 -3.22
N PHE B 531 -3.51 -24.04 -2.84
CA PHE B 531 -3.99 -24.05 -1.46
C PHE B 531 -5.45 -24.45 -1.52
N SER B 532 -5.82 -25.48 -0.76
CA SER B 532 -7.21 -25.92 -0.72
C SER B 532 -7.92 -25.21 0.44
N LYS B 533 -9.08 -24.62 0.15
CA LYS B 533 -9.88 -23.94 1.17
C LYS B 533 -10.40 -24.97 2.19
N ARG B 534 -10.64 -24.54 3.43
CA ARG B 534 -11.21 -25.43 4.47
C ARG B 534 -12.46 -24.82 5.14
N SER B 535 -13.30 -25.69 5.68
CA SER B 535 -14.66 -25.32 6.12
C SER B 535 -14.73 -24.46 7.39
N THR B 536 -15.72 -23.56 7.46
CA THR B 536 -16.00 -22.69 8.61
C THR B 536 -17.39 -22.99 9.18
N MET C . -26.93 17.87 -22.57
CA MET C . -26.56 16.47 -22.24
C MET C . -26.94 16.17 -20.79
O MET C . -27.31 17.07 -20.01
CB MET C . -25.05 16.23 -22.42
CG MET C . -24.44 16.80 -23.70
SD MET C . -22.63 16.74 -23.66
CE MET C . -22.23 16.92 -25.40
OXT MET C . -26.88 15.04 -20.35
C1 JFA D . 19.30 -17.60 25.60
C2 JFA D . 18.76 -17.51 26.87
C3 JFA D . 19.41 -16.80 27.89
C4 JFA D . 18.73 -16.59 29.22
C5 JFA D . 18.86 -17.73 30.19
C6 JFA D . 19.22 -19.04 29.93
C7 JFA D . 19.34 -21.17 31.32
N1 JFA D . 21.12 -21.74 32.98
N2 JFA D . 21.73 -21.65 30.84
N3 JFA D . 18.54 -17.63 31.52
C8 JFA D . 20.72 -21.54 31.73
CL1 JFA D . 21.54 -15.41 28.81
C16 JFA D . 20.64 -16.23 27.58
C17 JFA D . 21.20 -16.31 26.32
C JFA D . 20.51 -17.00 25.34
CL JFA D . 21.20 -17.11 23.74
C15 JFA D . 18.66 -18.88 32.09
O JFA D . 18.41 -19.18 33.25
N JFA D . 19.09 -19.74 31.10
C14 JFA D . 22.88 -21.94 31.55
C9 JFA D . 22.50 -21.98 32.89
C13 JFA D . 24.21 -22.11 31.17
C12 JFA D . 25.16 -22.32 32.17
C11 JFA D . 24.78 -22.34 33.50
C10 JFA D . 23.46 -22.18 33.88
C1 GOL E . -6.74 -7.71 9.80
O1 GOL E . -6.58 -8.55 8.66
C2 GOL E . -5.33 -7.53 10.33
O2 GOL E . -4.64 -6.57 9.55
C3 GOL E . -5.41 -7.15 11.80
O3 GOL E . -4.12 -6.69 12.19
#